data_4GQB
#
_entry.id   4GQB
#
_cell.length_a   101.981
_cell.length_b   138.762
_cell.length_c   178.472
_cell.angle_alpha   90.00
_cell.angle_beta   90.00
_cell.angle_gamma   90.00
#
_symmetry.space_group_name_H-M   'I 2 2 2'
#
loop_
_entity.id
_entity.type
_entity.pdbx_description
1 polymer 'Protein arginine N-methyltransferase 5'
2 polymer 'Methylosome protein 50'
3 polymer 'Histone H4 peptide'
4 non-polymer '(2S,5S,6E)-2,5-diamino-6-[(3S,4R,5R)-5-(6-amino-9H-purin-9-yl)-3,4-dihydroxydihydrofuran-2(3H)-ylidene]hexanoic acid'
5 water water
#
loop_
_entity_poly.entity_id
_entity_poly.type
_entity_poly.pdbx_seq_one_letter_code
_entity_poly.pdbx_strand_id
1 'polypeptide(L)'
;MAAMAVGGAGGSRVSSGRDLNCVPEIADTLGAVAKQGFDFLCMPVFHPRFKREFIQEPAKNRPGPQTRSDLLLSGRDWNT
LIVGKLSPWIRPDSKVEKIRRNSEAAMLQELNFGAYLGLPAFLLPLNQEDNTNLARVLTNHIHTGHHSSMFWMRVPLVAP
EDLRDDIIENAPTTHTEEYSGEEKTWMWWHNFRTLCDYSKRIAVALEIGADLPSNHVIDRWLGEPIKAAILPTSIFLTNK
KGFPVLSKMHQRLIFRLLKLEVQFIITGTNHHSEKEFCSYLQYLEYLSQNRPPPNAYELFAKGYEDYLQSPLQPLMDNLE
SQTYEVFEKDPIKYSQYQQAIYKCLLDRVPEEEKDTNVQVLMVLGAGRGPLVNASLRAAKQADRRIKLYAVEKNPNAVVT
LENWQFEEWGSQVTVVSSDMREWVAPEKADIIVSELLGSFADNELSPECLDGAQHFLKDDGVSIPGEYTSFLAPISSSKL
YNEVRACREKDRDPEAQFEMPYVVRLHNFHQLSAPQPCFTFSHPNRDPMIDNNRYCTLEFPVEVNTVLHGFAGYFETVLY
QDITLSIRPETHSPGMFSWFPILFPIKQPITVREGQTICVRFWRCSNSKKVWYEWAVTAPVCSAIHNPTGRSYTIGL
;
A
2 'polypeptide(L)'
;GSLRKETPPPLVPPAAREWNLPPNAPACMERQLEAARYRSDGALLLGASSLSGRCWAGSLWLFKDPCAAPNEGFCSAGVQ
TEAGVADLTWVGERGILVASDSGAVELWELDENETLIVSKFCKYEHDDIVSTVSVLSSGTQAVSGSKDICIKVWDLAQQV
VLSSYRAHAAQVTCVAASPHKDSVFLSCSEDNRILLWDTRCPKPASQIGCSAPGYLPTSLAWHPQQSEVFVFGDENGTVS
LVDTKSTSCVLSSAVHSQCVTGLVFSPHSVPFLASLSEDCSLAVLDSSLSELFRSQAHRDFVRDATWSPLNHSLLTTVGW
DHQVVHHVVPTEPLPAPGPASVTE
;
B
3 'polypeptide(L)' (ACE)SGRGKGGKGLGKGGAKRHRKV C
#
loop_
_chem_comp.id
_chem_comp.type
_chem_comp.name
_chem_comp.formula
0XU non-polymer '(2S,5S,6E)-2,5-diamino-6-[(3S,4R,5R)-5-(6-amino-9H-purin-9-yl)-3,4-dihydroxydihydrofuran-2(3H)-ylidene]hexanoic acid' 'C15 H21 N7 O5'
ACE non-polymer 'ACETYL GROUP' 'C2 H4 O'
#
# COMPACT_ATOMS: atom_id res chain seq x y z
N ARG A 13 3.15 19.00 -7.74
CA ARG A 13 4.14 17.92 -7.67
C ARG A 13 3.60 16.69 -6.91
N VAL A 14 3.09 16.88 -5.68
CA VAL A 14 2.56 15.77 -4.89
C VAL A 14 1.06 15.53 -5.11
N SER A 15 0.69 14.28 -5.49
CA SER A 15 -0.70 13.89 -5.68
C SER A 15 -1.25 13.38 -4.35
N SER A 16 -2.26 14.08 -3.80
CA SER A 16 -2.81 13.75 -2.50
C SER A 16 -4.31 13.63 -2.43
N GLY A 17 -4.76 12.72 -1.58
CA GLY A 17 -6.18 12.47 -1.36
C GLY A 17 -6.59 12.56 0.08
N ARG A 18 -7.90 12.76 0.31
CA ARG A 18 -8.53 12.83 1.63
C ARG A 18 -9.29 11.54 1.85
N ASP A 19 -9.16 10.98 3.04
CA ASP A 19 -9.88 9.77 3.42
C ASP A 19 -10.94 10.16 4.44
N LEU A 20 -12.20 9.88 4.12
CA LEU A 20 -13.33 10.17 5.04
C LEU A 20 -14.18 8.94 5.22
N ASN A 21 -14.81 8.81 6.37
CA ASN A 21 -15.77 7.72 6.61
C ASN A 21 -17.17 8.33 6.89
N CYS A 22 -17.29 9.66 6.72
CA CYS A 22 -18.52 10.43 6.93
C CYS A 22 -18.65 11.48 5.85
N VAL A 23 -19.63 11.29 4.98
CA VAL A 23 -19.92 12.16 3.83
C VAL A 23 -21.44 12.42 3.86
N PRO A 24 -21.91 13.41 4.67
CA PRO A 24 -23.38 13.66 4.74
C PRO A 24 -23.97 14.14 3.41
N GLU A 25 -23.23 14.98 2.67
CA GLU A 25 -23.65 15.50 1.36
C GLU A 25 -22.45 15.40 0.41
N ILE A 26 -22.53 14.51 -0.60
CA ILE A 26 -21.46 14.22 -1.57
C ILE A 26 -20.86 15.44 -2.30
N ALA A 27 -21.73 16.33 -2.81
CA ALA A 27 -21.33 17.52 -3.55
C ALA A 27 -20.63 18.54 -2.66
N ASP A 28 -21.17 18.78 -1.45
CA ASP A 28 -20.62 19.71 -0.45
C ASP A 28 -19.27 19.24 0.06
N THR A 29 -19.14 17.92 0.33
CA THR A 29 -17.91 17.29 0.82
C THR A 29 -16.78 17.39 -0.21
N LEU A 30 -17.05 17.03 -1.47
CA LEU A 30 -16.08 17.10 -2.55
C LEU A 30 -15.51 18.51 -2.72
N GLY A 31 -16.39 19.52 -2.65
CA GLY A 31 -16.04 20.93 -2.76
C GLY A 31 -15.11 21.40 -1.66
N ALA A 32 -15.42 21.04 -0.39
CA ALA A 32 -14.63 21.36 0.79
C ALA A 32 -13.23 20.75 0.68
N VAL A 33 -13.18 19.48 0.26
CA VAL A 33 -11.96 18.68 0.05
C VAL A 33 -11.11 19.26 -1.08
N ALA A 34 -11.74 19.65 -2.21
CA ALA A 34 -11.00 20.26 -3.32
C ALA A 34 -10.40 21.63 -2.92
N LYS A 35 -11.17 22.45 -2.15
CA LYS A 35 -10.75 23.76 -1.63
C LYS A 35 -9.50 23.63 -0.78
N GLN A 36 -9.42 22.56 0.05
CA GLN A 36 -8.28 22.22 0.92
C GLN A 36 -7.02 21.86 0.11
N GLY A 37 -7.18 21.64 -1.20
CA GLY A 37 -6.08 21.32 -2.09
C GLY A 37 -5.92 19.86 -2.45
N PHE A 38 -6.78 18.97 -1.95
CA PHE A 38 -6.72 17.54 -2.27
C PHE A 38 -7.13 17.30 -3.71
N ASP A 39 -6.56 16.25 -4.33
CA ASP A 39 -6.85 15.85 -5.71
C ASP A 39 -7.94 14.77 -5.78
N PHE A 40 -8.16 14.01 -4.69
CA PHE A 40 -9.18 12.96 -4.65
C PHE A 40 -9.74 12.73 -3.26
N LEU A 41 -10.86 11.98 -3.21
CA LEU A 41 -11.55 11.64 -1.97
C LEU A 41 -11.81 10.13 -1.89
N CYS A 42 -11.31 9.48 -0.82
CA CYS A 42 -11.56 8.07 -0.53
C CYS A 42 -12.79 8.14 0.37
N MET A 43 -13.87 7.49 -0.05
CA MET A 43 -15.13 7.56 0.68
C MET A 43 -15.98 6.32 0.55
N PRO A 44 -16.90 6.07 1.52
CA PRO A 44 -17.82 4.93 1.40
C PRO A 44 -18.83 5.10 0.26
N VAL A 45 -19.11 4.03 -0.48
CA VAL A 45 -20.11 4.07 -1.56
C VAL A 45 -21.53 3.75 -1.07
N PHE A 46 -21.61 3.00 0.04
CA PHE A 46 -22.82 2.65 0.79
C PHE A 46 -22.52 3.17 2.19
N HIS A 47 -23.55 3.57 2.97
CA HIS A 47 -23.31 4.07 4.34
C HIS A 47 -22.55 3.01 5.15
N PRO A 48 -21.39 3.37 5.76
CA PRO A 48 -20.59 2.37 6.48
C PRO A 48 -21.27 1.61 7.62
N ARG A 49 -22.35 2.18 8.18
CA ARG A 49 -23.13 1.54 9.23
C ARG A 49 -24.35 0.79 8.69
N PHE A 50 -24.69 0.96 7.42
CA PHE A 50 -25.88 0.34 6.80
C PHE A 50 -25.69 -1.14 6.42
N LYS A 51 -25.66 -2.01 7.44
CA LYS A 51 -25.54 -3.47 7.34
C LYS A 51 -26.77 -3.98 6.59
N ARG A 52 -26.54 -4.86 5.62
CA ARG A 52 -27.60 -5.39 4.76
C ARG A 52 -27.68 -6.92 4.83
N GLU A 53 -28.90 -7.42 4.71
CA GLU A 53 -29.22 -8.85 4.80
C GLU A 53 -29.64 -9.34 3.42
N PHE A 54 -29.14 -10.50 3.01
CA PHE A 54 -29.39 -11.02 1.67
C PHE A 54 -30.14 -12.36 1.65
N ILE A 55 -30.15 -13.00 2.79
CA ILE A 55 -30.67 -14.34 2.94
C ILE A 55 -31.95 -14.48 3.81
N GLN A 56 -31.99 -13.90 5.00
CA GLN A 56 -33.16 -13.99 5.90
C GLN A 56 -34.19 -12.89 5.80
N GLU A 57 -35.48 -13.30 5.81
CA GLU A 57 -36.65 -12.42 5.87
C GLU A 57 -36.82 -12.03 7.36
N PRO A 58 -37.38 -10.84 7.72
CA PRO A 58 -37.90 -9.76 6.88
C PRO A 58 -36.87 -8.74 6.36
N ALA A 59 -35.71 -8.61 7.05
CA ALA A 59 -34.67 -7.66 6.70
C ALA A 59 -34.14 -7.76 5.26
N LYS A 60 -34.10 -8.98 4.65
CA LYS A 60 -33.65 -9.08 3.25
C LYS A 60 -34.54 -8.30 2.29
N ASN A 61 -35.80 -8.07 2.68
CA ASN A 61 -36.76 -7.33 1.87
C ASN A 61 -36.85 -5.85 2.24
N ARG A 62 -35.79 -5.28 2.86
CA ARG A 62 -35.71 -3.86 3.23
C ARG A 62 -35.98 -2.98 1.99
N PRO A 63 -37.00 -2.10 2.01
CA PRO A 63 -37.23 -1.26 0.82
C PRO A 63 -36.25 -0.08 0.70
N GLY A 64 -36.59 0.77 -0.29
CA GLY A 64 -35.98 2.06 -0.60
C GLY A 64 -34.69 1.87 -1.29
N PRO A 65 -34.02 2.98 -1.67
CA PRO A 65 -32.72 2.86 -2.33
C PRO A 65 -31.63 2.29 -1.40
N GLN A 66 -30.81 1.32 -1.89
CA GLN A 66 -29.76 0.73 -1.05
C GLN A 66 -28.60 1.71 -0.76
N THR A 67 -28.49 2.77 -1.59
CA THR A 67 -27.49 3.85 -1.48
C THR A 67 -27.90 5.10 -2.29
N ARG A 68 -27.00 6.08 -2.27
CA ARG A 68 -26.98 7.36 -2.96
C ARG A 68 -26.93 7.08 -4.46
N SER A 69 -27.52 7.98 -5.26
CA SER A 69 -27.56 7.89 -6.71
C SER A 69 -26.25 8.30 -7.40
N ASP A 70 -25.99 7.66 -8.56
CA ASP A 70 -24.85 7.93 -9.44
C ASP A 70 -25.02 9.32 -10.09
N LEU A 71 -26.25 9.87 -10.08
CA LEU A 71 -26.59 11.16 -10.66
C LEU A 71 -26.06 12.36 -9.86
N LEU A 72 -25.65 12.11 -8.61
CA LEU A 72 -25.10 13.15 -7.72
C LEU A 72 -23.80 13.80 -8.19
N LEU A 73 -23.02 13.09 -9.01
CA LEU A 73 -21.78 13.59 -9.60
C LEU A 73 -21.74 13.29 -11.08
N SER A 74 -20.90 14.01 -11.84
CA SER A 74 -20.69 13.81 -13.28
C SER A 74 -19.86 12.51 -13.44
N GLY A 75 -19.87 11.93 -14.63
CA GLY A 75 -19.08 10.73 -14.93
C GLY A 75 -17.60 10.95 -14.73
N ARG A 76 -17.11 12.14 -15.14
CA ARG A 76 -15.71 12.58 -15.00
C ARG A 76 -15.32 12.59 -13.52
N ASP A 77 -16.18 13.15 -12.63
CA ASP A 77 -15.91 13.18 -11.20
C ASP A 77 -15.80 11.79 -10.57
N TRP A 78 -16.75 10.88 -10.90
CA TRP A 78 -16.69 9.49 -10.42
C TRP A 78 -15.41 8.81 -10.92
N ASN A 79 -15.05 9.02 -12.21
CA ASN A 79 -13.86 8.42 -12.84
C ASN A 79 -12.51 8.90 -12.32
N THR A 80 -12.46 10.13 -11.79
CA THR A 80 -11.18 10.76 -11.42
C THR A 80 -11.03 11.22 -9.97
N LEU A 81 -12.12 11.59 -9.32
CA LEU A 81 -12.05 12.16 -7.96
C LEU A 81 -12.47 11.23 -6.82
N ILE A 82 -13.05 10.06 -7.12
CA ILE A 82 -13.57 9.18 -6.05
C ILE A 82 -12.90 7.82 -5.98
N VAL A 83 -12.35 7.48 -4.80
CA VAL A 83 -11.80 6.16 -4.51
C VAL A 83 -12.83 5.50 -3.55
N GLY A 84 -13.39 4.36 -3.96
CA GLY A 84 -14.37 3.65 -3.13
C GLY A 84 -13.71 2.98 -1.94
N LYS A 85 -14.50 2.73 -0.88
CA LYS A 85 -14.04 2.07 0.35
C LYS A 85 -15.01 0.96 0.70
N LEU A 86 -14.49 -0.23 1.02
CA LEU A 86 -15.31 -1.36 1.41
C LEU A 86 -15.91 -1.11 2.80
N SER A 87 -17.20 -1.43 2.99
CA SER A 87 -17.85 -1.22 4.28
C SER A 87 -17.16 -2.00 5.41
N PRO A 88 -16.98 -1.37 6.61
CA PRO A 88 -16.25 -2.04 7.70
C PRO A 88 -16.87 -3.30 8.30
N TRP A 89 -18.17 -3.50 8.13
CA TRP A 89 -18.86 -4.68 8.64
C TRP A 89 -18.69 -5.90 7.73
N ILE A 90 -18.17 -5.71 6.50
CA ILE A 90 -18.02 -6.79 5.54
C ILE A 90 -16.83 -7.64 5.96
N ARG A 91 -17.16 -8.83 6.46
CA ARG A 91 -16.16 -9.74 6.99
C ARG A 91 -16.25 -11.12 6.31
N PRO A 92 -15.67 -11.25 5.10
CA PRO A 92 -15.78 -12.53 4.37
C PRO A 92 -15.10 -13.70 5.05
N ASP A 93 -14.15 -13.42 5.97
CA ASP A 93 -13.43 -14.45 6.72
C ASP A 93 -13.90 -14.68 8.16
N SER A 94 -15.12 -14.24 8.46
CA SER A 94 -15.75 -14.42 9.78
C SER A 94 -15.88 -15.91 10.14
N LYS A 95 -15.84 -16.21 11.44
CA LYS A 95 -16.03 -17.57 11.94
C LYS A 95 -17.52 -17.94 11.89
N VAL A 96 -18.40 -16.92 11.80
CA VAL A 96 -19.85 -17.10 11.73
C VAL A 96 -20.24 -17.27 10.27
N GLU A 97 -20.85 -18.43 9.92
CA GLU A 97 -21.30 -18.78 8.57
C GLU A 97 -22.23 -17.71 7.97
N LYS A 98 -23.20 -17.25 8.77
CA LYS A 98 -24.16 -16.23 8.31
C LYS A 98 -23.49 -14.91 7.91
N ILE A 99 -22.49 -14.46 8.70
CA ILE A 99 -21.75 -13.22 8.40
C ILE A 99 -20.92 -13.39 7.18
N ARG A 100 -20.32 -14.56 7.03
CA ARG A 100 -19.45 -14.91 5.91
C ARG A 100 -20.24 -14.82 4.59
N ARG A 101 -21.44 -15.43 4.54
CA ARG A 101 -22.36 -15.42 3.39
C ARG A 101 -22.90 -14.02 3.09
N ASN A 102 -23.40 -13.27 4.11
CA ASN A 102 -23.87 -11.90 3.89
C ASN A 102 -22.73 -11.00 3.44
N SER A 103 -21.51 -11.23 3.99
CA SER A 103 -20.35 -10.42 3.60
C SER A 103 -19.91 -10.67 2.16
N GLU A 104 -19.97 -11.93 1.69
CA GLU A 104 -19.58 -12.24 0.31
C GLU A 104 -20.54 -11.51 -0.65
N ALA A 105 -21.85 -11.57 -0.37
CA ALA A 105 -22.89 -10.93 -1.18
C ALA A 105 -22.77 -9.42 -1.14
N ALA A 106 -22.49 -8.84 0.06
CA ALA A 106 -22.28 -7.38 0.20
C ALA A 106 -21.01 -6.88 -0.48
N MET A 107 -19.94 -7.69 -0.43
CA MET A 107 -18.64 -7.35 -1.04
C MET A 107 -18.80 -7.32 -2.54
N LEU A 108 -19.43 -8.37 -3.10
CA LEU A 108 -19.71 -8.42 -4.53
C LEU A 108 -20.63 -7.25 -4.93
N GLN A 109 -21.62 -6.91 -4.09
CA GLN A 109 -22.52 -5.79 -4.37
C GLN A 109 -21.76 -4.45 -4.45
N GLU A 110 -20.89 -4.18 -3.47
CA GLU A 110 -20.13 -2.94 -3.37
C GLU A 110 -19.07 -2.80 -4.45
N LEU A 111 -18.35 -3.91 -4.75
CA LEU A 111 -17.36 -3.90 -5.84
C LEU A 111 -18.06 -3.65 -7.19
N ASN A 112 -19.24 -4.26 -7.41
CA ASN A 112 -20.03 -4.10 -8.65
C ASN A 112 -20.56 -2.69 -8.79
N PHE A 113 -20.94 -2.05 -7.67
CA PHE A 113 -21.36 -0.64 -7.70
C PHE A 113 -20.19 0.28 -8.06
N GLY A 114 -18.99 -0.01 -7.53
CA GLY A 114 -17.76 0.74 -7.82
C GLY A 114 -17.42 0.69 -9.29
N ALA A 115 -17.54 -0.51 -9.89
CA ALA A 115 -17.32 -0.74 -11.32
C ALA A 115 -18.44 -0.07 -12.14
N TYR A 116 -19.67 -0.04 -11.59
CA TYR A 116 -20.82 0.61 -12.25
C TYR A 116 -20.54 2.12 -12.40
N LEU A 117 -20.01 2.72 -11.32
CA LEU A 117 -19.63 4.14 -11.21
C LEU A 117 -18.36 4.50 -11.98
N GLY A 118 -17.57 3.51 -12.33
CA GLY A 118 -16.31 3.73 -13.05
C GLY A 118 -15.21 4.31 -12.14
N LEU A 119 -15.21 3.92 -10.85
CA LEU A 119 -14.21 4.39 -9.89
C LEU A 119 -12.78 4.02 -10.32
N PRO A 120 -11.82 4.96 -10.22
CA PRO A 120 -10.43 4.62 -10.63
C PRO A 120 -9.77 3.61 -9.67
N ALA A 121 -10.18 3.64 -8.41
CA ALA A 121 -9.64 2.72 -7.41
C ALA A 121 -10.67 2.40 -6.35
N PHE A 122 -10.50 1.27 -5.67
CA PHE A 122 -11.37 0.80 -4.59
C PHE A 122 -10.48 0.25 -3.43
N LEU A 123 -10.66 0.77 -2.21
CA LEU A 123 -9.89 0.36 -1.01
C LEU A 123 -10.50 -0.82 -0.26
N LEU A 124 -9.68 -1.84 0.04
CA LEU A 124 -10.11 -3.02 0.81
C LEU A 124 -9.08 -3.24 1.93
N PRO A 125 -9.53 -3.58 3.16
CA PRO A 125 -8.54 -3.76 4.24
C PRO A 125 -7.92 -5.15 4.29
N LEU A 126 -6.72 -5.18 4.78
CA LEU A 126 -6.00 -6.38 5.19
C LEU A 126 -5.70 -6.04 6.65
N ASN A 127 -6.55 -6.53 7.55
CA ASN A 127 -6.45 -6.22 8.98
C ASN A 127 -6.41 -7.45 9.89
N GLN A 128 -6.09 -8.62 9.33
CA GLN A 128 -5.93 -9.87 10.09
C GLN A 128 -5.14 -10.81 9.20
N GLU A 129 -4.70 -11.95 9.76
CA GLU A 129 -3.91 -12.92 9.01
C GLU A 129 -4.69 -13.62 7.89
N ASP A 130 -5.92 -14.09 8.17
CA ASP A 130 -6.71 -14.85 7.20
C ASP A 130 -7.69 -14.01 6.39
N ASN A 131 -7.35 -13.81 5.11
CA ASN A 131 -8.17 -13.07 4.15
C ASN A 131 -8.40 -13.94 2.91
N THR A 132 -8.46 -15.28 3.12
CA THR A 132 -8.62 -16.28 2.06
C THR A 132 -9.90 -16.07 1.27
N ASN A 133 -11.01 -15.92 1.95
CA ASN A 133 -12.31 -15.73 1.34
C ASN A 133 -12.47 -14.35 0.76
N LEU A 134 -11.81 -13.33 1.34
CA LEU A 134 -11.81 -11.98 0.78
C LEU A 134 -11.08 -12.01 -0.61
N ALA A 135 -9.93 -12.74 -0.70
CA ALA A 135 -9.14 -12.94 -1.92
C ALA A 135 -9.98 -13.69 -2.97
N ARG A 136 -10.70 -14.76 -2.51
CA ARG A 136 -11.53 -15.56 -3.42
C ARG A 136 -12.63 -14.70 -4.05
N VAL A 137 -13.33 -13.90 -3.24
CA VAL A 137 -14.41 -13.02 -3.71
C VAL A 137 -13.78 -11.95 -4.62
N LEU A 138 -12.63 -11.37 -4.24
CA LEU A 138 -11.98 -10.38 -5.11
C LEU A 138 -11.53 -10.96 -6.45
N THR A 139 -10.96 -12.17 -6.46
CA THR A 139 -10.46 -12.82 -7.68
C THR A 139 -11.62 -13.09 -8.62
N ASN A 140 -12.76 -13.47 -8.04
CA ASN A 140 -13.98 -13.75 -8.78
C ASN A 140 -14.56 -12.50 -9.46
N HIS A 141 -14.53 -11.34 -8.76
CA HIS A 141 -14.99 -10.05 -9.33
C HIS A 141 -14.04 -9.59 -10.46
N ILE A 142 -12.73 -9.83 -10.30
CA ILE A 142 -11.70 -9.49 -11.29
C ILE A 142 -11.91 -10.25 -12.61
N HIS A 143 -12.36 -11.51 -12.52
CA HIS A 143 -12.63 -12.36 -13.67
C HIS A 143 -14.10 -12.26 -14.11
N THR A 144 -14.72 -11.06 -13.92
CA THR A 144 -16.12 -10.72 -14.23
C THR A 144 -16.23 -9.28 -14.81
N GLY A 145 -16.27 -9.18 -16.14
CA GLY A 145 -16.45 -7.94 -16.89
C GLY A 145 -15.24 -7.03 -17.09
N HIS A 146 -15.49 -5.69 -16.95
CA HIS A 146 -14.55 -4.56 -17.09
C HIS A 146 -13.24 -4.65 -16.26
N HIS A 147 -12.09 -4.86 -16.95
CA HIS A 147 -10.76 -5.02 -16.36
C HIS A 147 -9.87 -3.74 -16.36
N SER A 148 -10.37 -2.64 -15.80
CA SER A 148 -9.60 -1.39 -15.74
C SER A 148 -9.23 -0.92 -14.29
N SER A 149 -10.23 -0.94 -13.39
CA SER A 149 -10.14 -0.51 -11.99
C SER A 149 -8.97 -1.09 -11.14
N MET A 150 -8.52 -0.32 -10.16
CA MET A 150 -7.42 -0.75 -9.29
C MET A 150 -7.98 -1.09 -7.91
N PHE A 151 -7.41 -2.11 -7.27
CA PHE A 151 -7.77 -2.48 -5.90
C PHE A 151 -6.58 -2.17 -5.02
N TRP A 152 -6.80 -1.29 -4.04
CA TRP A 152 -5.76 -0.83 -3.13
C TRP A 152 -5.96 -1.53 -1.80
N MET A 153 -5.06 -2.45 -1.44
CA MET A 153 -5.15 -3.20 -0.19
C MET A 153 -4.55 -2.36 0.91
N ARG A 154 -5.40 -1.92 1.86
CA ARG A 154 -5.05 -1.09 3.01
C ARG A 154 -4.41 -2.00 4.07
N VAL A 155 -3.09 -1.92 4.17
CA VAL A 155 -2.30 -2.75 5.09
C VAL A 155 -1.35 -1.88 5.92
N PRO A 156 -1.30 -2.05 7.24
CA PRO A 156 -0.39 -1.21 8.05
C PRO A 156 1.03 -1.75 8.09
N LEU A 157 2.03 -0.85 8.28
CA LEU A 157 3.41 -1.28 8.55
C LEU A 157 3.37 -2.12 9.86
N VAL A 158 2.65 -1.62 10.87
CA VAL A 158 2.60 -2.27 12.18
C VAL A 158 1.14 -2.58 12.51
N ALA A 159 0.81 -3.86 12.74
CA ALA A 159 -0.55 -4.34 13.05
C ALA A 159 -1.08 -3.70 14.33
N PRO A 160 -2.37 -3.31 14.39
CA PRO A 160 -2.92 -2.69 15.62
C PRO A 160 -2.61 -3.45 16.90
N GLU A 161 -2.62 -4.80 16.85
CA GLU A 161 -2.30 -5.66 17.99
C GLU A 161 -0.85 -5.40 18.49
N ASP A 162 0.06 -4.99 17.58
CA ASP A 162 1.46 -4.79 17.97
C ASP A 162 1.81 -3.37 18.36
N LEU A 163 0.87 -2.43 18.28
CA LEU A 163 1.12 -1.05 18.68
C LEU A 163 0.12 -0.58 19.78
N ARG A 164 -0.70 -1.52 20.32
CA ARG A 164 -1.66 -1.20 21.39
C ARG A 164 -0.90 -0.69 22.61
N ASP A 165 -1.50 0.25 23.35
CA ASP A 165 -0.92 0.77 24.59
C ASP A 165 -0.77 -0.39 25.59
N ASP A 166 0.30 -0.37 26.40
CA ASP A 166 0.55 -1.42 27.40
C ASP A 166 -0.27 -1.08 28.66
N ILE A 167 -1.60 -1.18 28.51
CA ILE A 167 -2.54 -0.84 29.60
C ILE A 167 -3.43 -1.98 30.06
N ILE A 168 -3.22 -3.20 29.53
CA ILE A 168 -4.01 -4.35 29.99
C ILE A 168 -3.15 -5.09 31.00
N GLU A 169 -3.54 -5.01 32.28
CA GLU A 169 -2.89 -5.63 33.42
C GLU A 169 -2.52 -7.12 33.23
N ASN A 170 -3.49 -7.96 32.83
CA ASN A 170 -3.29 -9.41 32.67
C ASN A 170 -2.90 -9.83 31.25
N ALA A 171 -2.56 -8.85 30.39
CA ALA A 171 -2.11 -9.09 29.02
C ALA A 171 -0.99 -8.08 28.64
N PRO A 172 0.23 -8.22 29.19
CA PRO A 172 1.31 -7.26 28.85
C PRO A 172 1.75 -7.31 27.39
N THR A 173 2.26 -6.19 26.85
CA THR A 173 2.74 -6.16 25.47
C THR A 173 4.10 -6.89 25.43
N THR A 174 4.45 -7.53 24.31
CA THR A 174 5.71 -8.25 24.21
C THR A 174 6.90 -7.30 23.99
N HIS A 175 7.78 -7.24 24.98
CA HIS A 175 8.97 -6.38 25.01
C HIS A 175 10.23 -7.09 24.42
N THR A 176 10.03 -8.31 23.87
CA THR A 176 11.06 -9.16 23.28
C THR A 176 11.05 -8.93 21.77
N GLU A 177 12.24 -9.03 21.14
CA GLU A 177 12.32 -8.89 19.68
C GLU A 177 11.78 -10.16 19.01
N GLU A 178 10.87 -9.99 18.09
CA GLU A 178 10.32 -11.09 17.31
C GLU A 178 10.59 -10.66 15.86
N TYR A 179 11.81 -10.94 15.37
CA TYR A 179 12.27 -10.53 14.04
C TYR A 179 11.22 -10.73 12.94
N SER A 180 10.77 -11.98 12.72
CA SER A 180 9.77 -12.31 11.71
C SER A 180 8.38 -11.85 12.10
N GLY A 181 8.11 -11.88 13.41
CA GLY A 181 6.82 -11.47 13.96
C GLY A 181 6.50 -10.03 13.67
N GLU A 182 7.48 -9.13 13.77
CA GLU A 182 7.27 -7.71 13.47
C GLU A 182 7.08 -7.45 11.95
N GLU A 183 7.36 -8.47 11.11
CA GLU A 183 7.18 -8.36 9.68
C GLU A 183 5.84 -9.00 9.26
N LYS A 184 4.98 -9.32 10.23
CA LYS A 184 3.73 -10.03 10.00
C LYS A 184 2.81 -9.47 8.93
N THR A 185 2.62 -8.13 8.86
CA THR A 185 1.69 -7.48 7.93
C THR A 185 2.13 -7.64 6.49
N TRP A 186 3.45 -7.85 6.25
CA TRP A 186 3.95 -8.10 4.90
C TRP A 186 3.45 -9.48 4.45
N MET A 187 3.46 -10.48 5.36
N MET A 187 3.45 -10.49 5.37
CA MET A 187 2.97 -11.83 5.06
CA MET A 187 2.94 -11.85 5.12
C MET A 187 1.44 -11.82 4.78
C MET A 187 1.45 -11.77 4.73
N TRP A 188 0.70 -10.85 5.38
CA TRP A 188 -0.75 -10.68 5.15
C TRP A 188 -0.93 -10.27 3.69
N TRP A 189 -0.16 -9.27 3.25
CA TRP A 189 -0.14 -8.80 1.87
C TRP A 189 0.34 -9.92 0.92
N HIS A 190 1.49 -10.56 1.24
CA HIS A 190 2.08 -11.59 0.37
C HIS A 190 1.13 -12.74 0.05
N ASN A 191 0.49 -13.28 1.10
CA ASN A 191 -0.47 -14.36 0.96
C ASN A 191 -1.66 -13.95 0.16
N PHE A 192 -2.19 -12.74 0.43
CA PHE A 192 -3.33 -12.20 -0.30
C PHE A 192 -3.06 -12.13 -1.82
N ARG A 193 -1.95 -11.46 -2.20
CA ARG A 193 -1.59 -11.33 -3.63
C ARG A 193 -1.22 -12.67 -4.29
N THR A 194 -0.70 -13.65 -3.52
CA THR A 194 -0.35 -14.98 -4.04
C THR A 194 -1.69 -15.65 -4.40
N LEU A 195 -2.66 -15.58 -3.47
CA LEU A 195 -4.00 -16.13 -3.68
C LEU A 195 -4.68 -15.55 -4.93
N CYS A 196 -4.56 -14.22 -5.14
CA CYS A 196 -5.15 -13.52 -6.29
C CYS A 196 -4.24 -13.61 -7.54
N ASP A 197 -3.19 -14.48 -7.47
CA ASP A 197 -2.25 -14.81 -8.53
C ASP A 197 -1.60 -13.58 -9.19
N TYR A 198 -1.03 -12.69 -8.36
CA TYR A 198 -0.30 -11.50 -8.80
C TYR A 198 -1.06 -10.64 -9.83
N SER A 199 -2.40 -10.43 -9.66
CA SER A 199 -3.11 -9.55 -10.57
C SER A 199 -2.46 -8.18 -10.50
N LYS A 200 -2.23 -7.56 -11.65
CA LYS A 200 -1.64 -6.23 -11.73
C LYS A 200 -2.58 -5.13 -11.27
N ARG A 201 -3.87 -5.45 -11.14
CA ARG A 201 -4.87 -4.52 -10.66
C ARG A 201 -4.89 -4.49 -9.10
N ILE A 202 -4.06 -5.34 -8.44
CA ILE A 202 -4.00 -5.40 -6.96
C ILE A 202 -2.69 -4.79 -6.46
N ALA A 203 -2.82 -3.66 -5.73
CA ALA A 203 -1.71 -2.87 -5.21
C ALA A 203 -1.82 -2.59 -3.73
N VAL A 204 -0.78 -1.96 -3.14
CA VAL A 204 -0.72 -1.67 -1.71
C VAL A 204 -1.01 -0.19 -1.41
N ALA A 205 -1.84 0.03 -0.37
CA ALA A 205 -2.12 1.32 0.26
C ALA A 205 -1.48 1.15 1.68
N LEU A 206 -0.21 1.50 1.77
CA LEU A 206 0.55 1.31 3.01
C LEU A 206 0.23 2.36 4.07
N GLU A 207 -0.31 1.90 5.22
CA GLU A 207 -0.67 2.78 6.33
C GLU A 207 0.48 2.94 7.35
N ILE A 208 0.87 4.21 7.58
CA ILE A 208 1.99 4.62 8.45
C ILE A 208 1.50 5.01 9.85
N GLY A 209 2.15 4.46 10.87
CA GLY A 209 1.82 4.73 12.28
C GLY A 209 2.70 5.75 12.96
N ALA A 210 2.26 6.20 14.15
CA ALA A 210 2.91 7.20 14.99
C ALA A 210 4.36 6.85 15.27
N ASP A 211 4.64 5.55 15.45
CA ASP A 211 5.99 5.04 15.69
C ASP A 211 6.33 4.06 14.56
N LEU A 212 7.46 4.30 13.91
CA LEU A 212 7.92 3.47 12.81
C LEU A 212 8.53 2.18 13.35
N PRO A 213 8.39 1.04 12.64
CA PRO A 213 9.04 -0.20 13.13
C PRO A 213 10.51 -0.16 12.77
N SER A 214 11.30 -1.24 13.09
CA SER A 214 12.73 -1.33 12.70
C SER A 214 12.87 -1.26 11.18
N ASN A 215 14.04 -0.84 10.69
CA ASN A 215 14.32 -0.72 9.26
C ASN A 215 14.01 -1.98 8.46
N HIS A 216 14.26 -3.18 9.04
CA HIS A 216 14.00 -4.44 8.33
C HIS A 216 12.53 -4.64 7.99
N VAL A 217 11.62 -4.13 8.84
CA VAL A 217 10.16 -4.19 8.63
C VAL A 217 9.81 -3.25 7.44
N ILE A 218 10.40 -2.03 7.44
CA ILE A 218 10.18 -1.02 6.39
C ILE A 218 10.71 -1.54 5.06
N ASP A 219 11.96 -2.03 5.03
CA ASP A 219 12.63 -2.56 3.82
C ASP A 219 11.92 -3.79 3.25
N ARG A 220 11.12 -4.48 4.08
CA ARG A 220 10.38 -5.65 3.63
C ARG A 220 9.44 -5.30 2.44
N TRP A 221 9.00 -4.03 2.38
CA TRP A 221 8.08 -3.48 1.39
C TRP A 221 8.76 -3.00 0.10
N LEU A 222 10.10 -3.12 0.02
CA LEU A 222 10.88 -2.74 -1.17
C LEU A 222 10.55 -3.69 -2.30
N GLY A 223 10.33 -3.13 -3.49
CA GLY A 223 9.94 -3.94 -4.64
C GLY A 223 8.47 -4.29 -4.69
N GLU A 224 7.68 -3.81 -3.72
CA GLU A 224 6.23 -4.06 -3.68
C GLU A 224 5.48 -3.00 -4.45
N PRO A 225 4.31 -3.35 -5.07
CA PRO A 225 3.55 -2.33 -5.84
C PRO A 225 2.81 -1.35 -4.94
N ILE A 226 3.51 -0.39 -4.36
CA ILE A 226 2.88 0.59 -3.48
C ILE A 226 2.29 1.71 -4.33
N LYS A 227 0.96 1.87 -4.29
CA LYS A 227 0.36 2.93 -5.09
C LYS A 227 -0.02 4.11 -4.22
N ALA A 228 -0.19 3.85 -2.92
CA ALA A 228 -0.56 4.89 -1.99
C ALA A 228 0.07 4.71 -0.62
N ALA A 229 0.29 5.82 0.07
CA ALA A 229 0.82 5.84 1.44
C ALA A 229 -0.24 6.58 2.31
N ILE A 230 -0.76 5.91 3.36
CA ILE A 230 -1.80 6.48 4.24
C ILE A 230 -1.18 7.12 5.48
N LEU A 231 -1.41 8.43 5.65
CA LEU A 231 -0.88 9.20 6.77
C LEU A 231 -1.98 9.71 7.69
N PRO A 232 -2.17 9.05 8.86
CA PRO A 232 -3.15 9.57 9.84
C PRO A 232 -2.62 10.85 10.44
N THR A 233 -3.51 11.83 10.66
CA THR A 233 -3.19 13.15 11.25
C THR A 233 -2.53 13.02 12.65
N SER A 234 -2.86 11.92 13.36
CA SER A 234 -2.35 11.59 14.69
C SER A 234 -0.85 11.27 14.70
N ILE A 235 -0.22 11.00 13.55
CA ILE A 235 1.23 10.72 13.49
C ILE A 235 2.05 12.02 13.41
N PHE A 236 1.39 13.15 13.08
CA PHE A 236 2.05 14.44 12.94
C PHE A 236 2.41 15.08 14.26
N LEU A 237 3.65 15.60 14.33
CA LEU A 237 4.14 16.33 15.48
C LEU A 237 3.75 17.81 15.32
N THR A 238 3.95 18.61 16.37
CA THR A 238 3.62 20.04 16.38
C THR A 238 4.91 20.85 16.58
N ASN A 239 5.09 21.91 15.79
CA ASN A 239 6.25 22.77 15.91
C ASN A 239 5.94 23.99 16.80
N LYS A 240 6.98 24.80 17.16
CA LYS A 240 6.86 25.99 18.00
C LYS A 240 5.72 26.95 17.58
N LYS A 241 5.44 27.05 16.27
CA LYS A 241 4.37 27.87 15.70
C LYS A 241 2.98 27.20 15.77
N GLY A 242 2.94 25.91 16.12
CA GLY A 242 1.69 25.14 16.26
C GLY A 242 1.19 24.45 15.02
N PHE A 243 2.08 24.26 14.03
CA PHE A 243 1.74 23.63 12.75
C PHE A 243 2.18 22.18 12.63
N PRO A 244 1.39 21.30 11.95
CA PRO A 244 1.78 19.89 11.86
C PRO A 244 3.05 19.67 11.05
N VAL A 245 3.95 18.87 11.64
CA VAL A 245 5.26 18.46 11.09
C VAL A 245 5.45 16.95 11.36
N LEU A 246 6.53 16.36 10.84
CA LEU A 246 6.84 14.94 11.02
C LEU A 246 8.23 14.76 11.57
N SER A 247 8.46 13.65 12.31
CA SER A 247 9.77 13.31 12.88
C SER A 247 10.77 13.08 11.73
N LYS A 248 12.07 13.23 12.01
CA LYS A 248 13.13 13.01 11.02
C LYS A 248 13.04 11.63 10.36
N MET A 249 12.71 10.58 11.15
CA MET A 249 12.57 9.21 10.67
C MET A 249 11.38 9.09 9.74
N HIS A 250 10.26 9.79 10.03
CA HIS A 250 9.05 9.80 9.22
C HIS A 250 9.33 10.50 7.90
N GLN A 251 10.07 11.63 7.93
CA GLN A 251 10.47 12.42 6.78
C GLN A 251 11.31 11.56 5.82
N ARG A 252 12.21 10.72 6.40
CA ARG A 252 13.10 9.78 5.69
C ARG A 252 12.25 8.76 4.92
N LEU A 253 11.12 8.33 5.51
CA LEU A 253 10.19 7.42 4.86
C LEU A 253 9.38 8.15 3.78
N ILE A 254 8.97 9.42 4.04
CA ILE A 254 8.25 10.22 3.03
C ILE A 254 9.13 10.39 1.78
N PHE A 255 10.44 10.70 1.93
CA PHE A 255 11.37 10.87 0.81
C PHE A 255 11.51 9.63 -0.07
N ARG A 256 11.57 8.45 0.55
CA ARG A 256 11.63 7.15 -0.12
C ARG A 256 10.32 6.96 -0.92
N LEU A 257 9.16 7.20 -0.29
CA LEU A 257 7.85 7.09 -0.94
C LEU A 257 7.65 8.07 -2.12
N LEU A 258 8.23 9.30 -2.02
CA LEU A 258 8.20 10.31 -3.09
C LEU A 258 8.93 9.84 -4.36
N LYS A 259 10.01 9.05 -4.21
CA LYS A 259 10.78 8.47 -5.31
C LYS A 259 9.93 7.39 -5.99
N LEU A 260 9.03 6.73 -5.25
CA LEU A 260 8.12 5.74 -5.83
C LEU A 260 6.89 6.40 -6.43
N GLU A 261 6.77 7.75 -6.31
CA GLU A 261 5.65 8.53 -6.83
C GLU A 261 4.27 7.99 -6.35
N VAL A 262 4.21 7.68 -5.05
CA VAL A 262 2.97 7.22 -4.44
C VAL A 262 2.00 8.39 -4.29
N GLN A 263 0.72 8.09 -4.21
CA GLN A 263 -0.28 9.10 -3.91
C GLN A 263 -0.41 9.10 -2.38
N PHE A 264 -0.34 10.27 -1.73
CA PHE A 264 -0.48 10.32 -0.27
C PHE A 264 -1.94 10.48 0.11
N ILE A 265 -2.36 9.80 1.18
CA ILE A 265 -3.75 9.84 1.66
C ILE A 265 -3.72 10.32 3.11
N ILE A 266 -4.47 11.40 3.39
CA ILE A 266 -4.57 12.01 4.71
C ILE A 266 -5.88 11.51 5.34
N THR A 267 -5.76 10.70 6.40
CA THR A 267 -6.87 10.14 7.16
C THR A 267 -6.94 10.71 8.58
N GLY A 268 -8.12 10.61 9.20
CA GLY A 268 -8.40 11.09 10.54
C GLY A 268 -8.88 12.52 10.61
N THR A 269 -9.21 12.98 11.83
CA THR A 269 -9.71 14.33 12.07
C THR A 269 -8.58 15.33 12.25
N ASN A 270 -8.90 16.64 12.20
CA ASN A 270 -7.95 17.72 12.41
C ASN A 270 -7.52 17.73 13.88
N HIS A 271 -6.26 17.37 14.16
CA HIS A 271 -5.72 17.37 15.53
C HIS A 271 -4.98 18.67 15.83
N HIS A 272 -4.76 19.48 14.78
CA HIS A 272 -4.15 20.81 14.84
C HIS A 272 -5.31 21.80 14.58
N SER A 273 -6.32 21.72 15.49
CA SER A 273 -7.60 22.43 15.55
C SER A 273 -7.54 23.93 15.29
N GLU A 274 -6.60 24.63 15.96
CA GLU A 274 -6.40 26.08 15.83
C GLU A 274 -5.30 26.41 14.79
N LYS A 275 -5.19 25.58 13.73
CA LYS A 275 -4.18 25.74 12.67
C LYS A 275 -4.67 25.31 11.27
N GLU A 276 -6.01 25.17 11.07
CA GLU A 276 -6.64 24.78 9.78
C GLU A 276 -6.30 23.33 9.32
N PHE A 277 -6.99 22.80 8.28
CA PHE A 277 -6.75 21.43 7.81
C PHE A 277 -5.73 21.25 6.69
N CYS A 278 -5.73 22.13 5.68
CA CYS A 278 -4.79 22.02 4.55
C CYS A 278 -3.31 22.06 4.93
N SER A 279 -3.02 22.41 6.21
CA SER A 279 -1.68 22.48 6.81
C SER A 279 -0.92 21.15 6.73
N TYR A 280 -1.64 20.00 6.86
CA TYR A 280 -1.06 18.66 6.74
C TYR A 280 -0.52 18.47 5.33
N LEU A 281 -1.33 18.88 4.35
CA LEU A 281 -1.03 18.78 2.94
C LEU A 281 0.04 19.81 2.56
N GLN A 282 0.05 20.98 3.22
CA GLN A 282 1.05 22.02 2.98
C GLN A 282 2.43 21.54 3.40
N TYR A 283 2.49 20.72 4.49
CA TYR A 283 3.74 20.13 4.98
C TYR A 283 4.30 19.12 3.98
N LEU A 284 3.43 18.29 3.39
CA LEU A 284 3.85 17.29 2.39
C LEU A 284 4.45 17.98 1.19
N GLU A 285 3.86 19.13 0.79
CA GLU A 285 4.33 19.96 -0.31
C GLU A 285 5.70 20.52 0.04
N TYR A 286 5.88 20.99 1.29
CA TYR A 286 7.16 21.51 1.78
C TYR A 286 8.25 20.47 1.66
N LEU A 287 8.01 19.23 2.17
CA LEU A 287 8.95 18.11 2.08
C LEU A 287 9.29 17.81 0.61
N SER A 288 8.25 17.77 -0.25
CA SER A 288 8.37 17.53 -1.70
C SER A 288 9.28 18.56 -2.39
N GLN A 289 9.12 19.87 -2.06
CA GLN A 289 9.93 20.97 -2.61
C GLN A 289 11.37 20.92 -2.08
N ASN A 290 11.52 20.58 -0.79
CA ASN A 290 12.81 20.53 -0.08
C ASN A 290 13.41 19.11 -0.09
N ARG A 291 13.66 18.60 -1.30
CA ARG A 291 14.27 17.28 -1.52
C ARG A 291 15.52 17.44 -2.42
N PRO A 292 16.48 16.47 -2.47
CA PRO A 292 17.67 16.67 -3.32
C PRO A 292 17.34 16.70 -4.82
N PRO A 293 17.84 17.69 -5.58
CA PRO A 293 17.53 17.74 -7.02
C PRO A 293 18.19 16.59 -7.77
N PRO A 294 17.50 15.99 -8.77
CA PRO A 294 18.10 14.85 -9.50
C PRO A 294 19.39 15.21 -10.25
N ASN A 295 20.37 14.29 -10.25
CA ASN A 295 21.65 14.48 -10.94
C ASN A 295 21.50 14.31 -12.48
N ALA A 296 22.61 14.42 -13.22
CA ALA A 296 22.63 14.28 -14.68
C ALA A 296 22.05 12.93 -15.13
N TYR A 297 22.45 11.82 -14.44
CA TYR A 297 22.00 10.46 -14.70
C TYR A 297 20.49 10.32 -14.43
N GLU A 298 20.03 10.72 -13.22
CA GLU A 298 18.62 10.69 -12.77
C GLU A 298 17.69 11.50 -13.67
N LEU A 299 18.15 12.67 -14.17
CA LEU A 299 17.38 13.51 -15.08
C LEU A 299 17.30 12.84 -16.46
N PHE A 300 18.38 12.13 -16.85
CA PHE A 300 18.45 11.40 -18.13
C PHE A 300 17.54 10.17 -18.10
N ALA A 301 17.61 9.37 -17.02
CA ALA A 301 16.86 8.12 -16.86
C ALA A 301 15.36 8.30 -16.48
N LYS A 302 14.89 9.57 -16.34
CA LYS A 302 13.50 9.87 -15.98
C LYS A 302 12.54 9.39 -17.08
N GLY A 303 11.68 8.43 -16.73
CA GLY A 303 10.71 7.81 -17.61
C GLY A 303 11.03 6.36 -17.82
N TYR A 304 12.31 5.97 -17.59
CA TYR A 304 12.82 4.61 -17.77
C TYR A 304 12.83 3.75 -16.50
N GLU A 305 12.39 4.32 -15.36
CA GLU A 305 12.37 3.61 -14.05
C GLU A 305 11.57 2.29 -14.18
N ASP A 306 12.19 1.14 -14.01
CA ASP A 306 11.49 -0.15 -14.11
C ASP A 306 10.79 -0.50 -15.48
N TYR A 307 11.20 0.22 -16.55
CA TYR A 307 10.73 0.07 -17.92
C TYR A 307 11.54 -1.03 -18.57
N LEU A 308 10.99 -2.21 -18.78
CA LEU A 308 11.80 -3.29 -19.36
C LEU A 308 12.12 -3.03 -20.84
N GLN A 309 13.42 -3.18 -21.24
CA GLN A 309 13.83 -3.04 -22.65
C GLN A 309 14.60 -4.25 -23.11
N SER A 310 14.58 -4.54 -24.43
CA SER A 310 15.39 -5.61 -25.04
C SER A 310 16.84 -5.09 -25.07
N PRO A 311 17.83 -5.90 -24.68
CA PRO A 311 19.22 -5.43 -24.81
C PRO A 311 19.54 -5.28 -26.32
N LEU A 312 20.13 -4.11 -26.72
CA LEU A 312 20.63 -3.86 -28.09
C LEU A 312 21.56 -4.97 -28.53
N GLN A 313 21.54 -5.33 -29.84
CA GLN A 313 22.45 -6.34 -30.40
C GLN A 313 23.14 -5.69 -31.62
N PRO A 314 24.21 -4.85 -31.40
CA PRO A 314 24.81 -4.13 -32.54
C PRO A 314 25.54 -4.98 -33.57
N LEU A 315 25.75 -6.25 -33.29
CA LEU A 315 26.39 -7.15 -34.22
C LEU A 315 25.36 -7.72 -35.19
N MET A 316 24.34 -8.45 -34.67
CA MET A 316 23.26 -9.06 -35.46
C MET A 316 22.40 -8.04 -36.19
N ASP A 317 22.20 -6.85 -35.60
CA ASP A 317 21.34 -5.79 -36.13
C ASP A 317 22.12 -4.52 -36.43
N ASN A 318 21.59 -3.72 -37.39
CA ASN A 318 22.20 -2.45 -37.71
C ASN A 318 21.45 -1.40 -36.93
N LEU A 319 22.14 -0.77 -36.00
CA LEU A 319 21.56 0.24 -35.15
C LEU A 319 21.07 1.40 -35.98
N GLU A 320 20.06 2.13 -35.47
CA GLU A 320 19.46 3.27 -36.17
C GLU A 320 20.18 4.54 -35.84
N SER A 321 20.01 5.58 -36.68
CA SER A 321 20.69 6.84 -36.50
C SER A 321 20.53 7.38 -35.07
N GLN A 322 19.28 7.42 -34.55
CA GLN A 322 18.95 7.94 -33.21
C GLN A 322 19.56 7.12 -32.09
N THR A 323 19.73 5.78 -32.27
CA THR A 323 20.43 4.96 -31.29
C THR A 323 21.89 5.52 -31.12
N TYR A 324 22.66 5.67 -32.25
CA TYR A 324 24.01 6.25 -32.23
C TYR A 324 23.95 7.64 -31.65
N GLU A 325 22.90 8.39 -31.95
CA GLU A 325 22.76 9.75 -31.36
C GLU A 325 22.61 9.68 -29.81
N VAL A 326 21.92 8.64 -29.29
CA VAL A 326 21.79 8.53 -27.84
C VAL A 326 23.15 8.21 -27.19
N PHE A 327 23.90 7.23 -27.76
CA PHE A 327 25.28 6.87 -27.37
C PHE A 327 26.16 8.11 -27.19
N GLU A 328 26.12 9.00 -28.20
CA GLU A 328 26.94 10.22 -28.33
C GLU A 328 26.62 11.31 -27.34
N LYS A 329 25.45 11.21 -26.68
CA LYS A 329 25.01 12.21 -25.69
C LYS A 329 25.77 12.05 -24.33
N ASP A 330 26.46 10.90 -24.10
CA ASP A 330 27.22 10.60 -22.88
C ASP A 330 28.61 11.28 -22.90
N PRO A 331 28.82 12.42 -22.20
CA PRO A 331 30.13 13.09 -22.28
C PRO A 331 31.27 12.34 -21.58
N ILE A 332 30.95 11.65 -20.46
CA ILE A 332 31.90 10.90 -19.63
C ILE A 332 32.61 9.78 -20.40
N LYS A 333 31.85 8.89 -21.06
CA LYS A 333 32.40 7.74 -21.80
C LYS A 333 33.56 8.06 -22.76
N TYR A 334 33.35 9.03 -23.66
CA TYR A 334 34.32 9.41 -24.65
C TYR A 334 35.51 10.15 -24.09
N SER A 335 35.30 10.98 -23.04
CA SER A 335 36.41 11.69 -22.39
C SER A 335 37.31 10.68 -21.65
N GLN A 336 36.72 9.54 -21.22
CA GLN A 336 37.48 8.45 -20.61
C GLN A 336 38.33 7.73 -21.68
N TYR A 337 37.71 7.41 -22.85
CA TYR A 337 38.40 6.79 -23.98
C TYR A 337 39.56 7.66 -24.45
N GLN A 338 39.32 8.99 -24.52
CA GLN A 338 40.35 9.95 -24.92
C GLN A 338 41.52 9.93 -23.94
N GLN A 339 41.23 9.92 -22.62
CA GLN A 339 42.28 9.87 -21.61
C GLN A 339 43.10 8.56 -21.71
N ALA A 340 42.44 7.42 -21.99
CA ALA A 340 43.06 6.09 -22.15
C ALA A 340 43.97 6.03 -23.37
N ILE A 341 43.51 6.62 -24.51
CA ILE A 341 44.32 6.67 -25.73
C ILE A 341 45.53 7.61 -25.51
N TYR A 342 45.29 8.79 -24.89
CA TYR A 342 46.31 9.79 -24.55
C TYR A 342 47.47 9.19 -23.76
N LYS A 343 47.16 8.45 -22.67
CA LYS A 343 48.16 7.77 -21.82
C LYS A 343 48.89 6.68 -22.61
N CYS A 344 48.15 5.88 -23.42
CA CYS A 344 48.75 4.81 -24.21
C CYS A 344 49.78 5.32 -25.20
N LEU A 345 49.43 6.41 -25.91
CA LEU A 345 50.32 7.06 -26.89
C LEU A 345 51.61 7.54 -26.23
N LEU A 346 51.51 8.14 -25.02
CA LEU A 346 52.68 8.60 -24.28
C LEU A 346 53.55 7.42 -23.83
N ASP A 347 52.95 6.29 -23.42
CA ASP A 347 53.71 5.11 -23.01
C ASP A 347 54.41 4.37 -24.16
N ARG A 348 53.87 4.51 -25.39
CA ARG A 348 54.38 3.81 -26.57
C ARG A 348 55.40 4.59 -27.39
N VAL A 349 55.33 5.93 -27.38
CA VAL A 349 56.23 6.80 -28.14
C VAL A 349 57.01 7.73 -27.21
N PRO A 350 58.34 7.52 -26.99
CA PRO A 350 59.09 8.48 -26.18
C PRO A 350 59.19 9.83 -26.88
N GLU A 351 59.29 10.92 -26.09
CA GLU A 351 59.38 12.33 -26.52
C GLU A 351 60.35 12.54 -27.71
N GLU A 352 61.49 11.85 -27.68
CA GLU A 352 62.54 11.92 -28.72
C GLU A 352 62.10 11.35 -30.07
N GLU A 353 61.09 10.42 -30.07
CA GLU A 353 60.55 9.78 -31.28
C GLU A 353 59.25 10.45 -31.79
N LYS A 354 58.87 11.58 -31.17
CA LYS A 354 57.69 12.44 -31.37
C LYS A 354 57.30 12.71 -32.83
N ASP A 355 58.27 13.06 -33.66
CA ASP A 355 58.07 13.45 -35.06
C ASP A 355 58.32 12.35 -36.10
N THR A 356 58.90 11.21 -35.69
CA THR A 356 59.22 10.10 -36.60
C THR A 356 58.28 8.90 -36.44
N ASN A 357 57.78 8.66 -35.21
CA ASN A 357 56.94 7.51 -34.88
C ASN A 357 55.45 7.79 -35.04
N VAL A 358 54.86 7.19 -36.08
CA VAL A 358 53.44 7.27 -36.41
C VAL A 358 52.78 5.99 -35.91
N GLN A 359 51.91 6.12 -34.91
CA GLN A 359 51.19 4.99 -34.33
C GLN A 359 49.98 4.68 -35.19
N VAL A 360 49.77 3.38 -35.47
CA VAL A 360 48.64 2.88 -36.25
C VAL A 360 47.53 2.54 -35.28
N LEU A 361 46.46 3.33 -35.33
CA LEU A 361 45.28 3.20 -34.50
C LEU A 361 44.07 2.74 -35.30
N MET A 362 43.41 1.69 -34.84
CA MET A 362 42.20 1.15 -35.49
C MET A 362 41.02 1.25 -34.55
N VAL A 363 39.98 1.97 -34.98
CA VAL A 363 38.76 2.07 -34.20
C VAL A 363 37.89 0.96 -34.79
N LEU A 364 37.67 -0.10 -34.01
CA LEU A 364 36.93 -1.29 -34.42
C LEU A 364 35.48 -1.22 -33.94
N GLY A 365 34.59 -0.88 -34.87
CA GLY A 365 33.17 -0.65 -34.61
C GLY A 365 33.03 0.84 -34.36
N ALA A 366 33.33 1.65 -35.39
CA ALA A 366 33.38 3.11 -35.34
C ALA A 366 32.06 3.90 -35.24
N GLY A 367 30.93 3.24 -35.49
CA GLY A 367 29.62 3.88 -35.47
C GLY A 367 29.63 5.14 -36.32
N ARG A 368 29.22 6.29 -35.75
CA ARG A 368 29.19 7.57 -36.50
C ARG A 368 30.45 8.45 -36.34
N GLY A 369 31.50 7.91 -35.72
CA GLY A 369 32.81 8.56 -35.56
C GLY A 369 33.23 9.18 -34.23
N PRO A 370 32.58 8.97 -33.04
CA PRO A 370 33.06 9.66 -31.83
C PRO A 370 34.39 9.18 -31.29
N LEU A 371 34.69 7.87 -31.39
CA LEU A 371 35.97 7.33 -30.96
C LEU A 371 37.09 7.72 -31.92
N VAL A 372 36.76 8.04 -33.20
CA VAL A 372 37.73 8.50 -34.22
C VAL A 372 38.15 9.90 -33.80
N ASN A 373 37.17 10.76 -33.46
CA ASN A 373 37.38 12.12 -32.97
C ASN A 373 38.10 12.12 -31.63
N ALA A 374 37.72 11.17 -30.72
CA ALA A 374 38.37 11.00 -29.41
C ALA A 374 39.85 10.65 -29.60
N SER A 375 40.18 9.79 -30.61
CA SER A 375 41.55 9.38 -30.94
C SER A 375 42.39 10.54 -31.43
N LEU A 376 41.81 11.41 -32.29
CA LEU A 376 42.49 12.58 -32.86
C LEU A 376 42.72 13.64 -31.76
N ARG A 377 41.72 13.85 -30.86
CA ARG A 377 41.89 14.79 -29.74
C ARG A 377 43.02 14.32 -28.82
N ALA A 378 43.05 12.98 -28.54
CA ALA A 378 44.03 12.29 -27.72
C ALA A 378 45.46 12.47 -28.28
N ALA A 379 45.63 12.32 -29.61
CA ALA A 379 46.90 12.47 -30.33
C ALA A 379 47.39 13.93 -30.32
N LYS A 380 46.45 14.89 -30.37
CA LYS A 380 46.77 16.32 -30.32
C LYS A 380 47.26 16.67 -28.89
N GLN A 381 46.49 16.28 -27.86
CA GLN A 381 46.90 16.55 -26.48
C GLN A 381 48.19 15.80 -26.03
N ALA A 382 48.52 14.65 -26.67
CA ALA A 382 49.72 13.86 -26.36
C ALA A 382 50.89 14.38 -27.19
N ASP A 383 50.59 15.22 -28.20
CA ASP A 383 51.56 15.74 -29.15
C ASP A 383 52.29 14.57 -29.82
N ARG A 384 51.49 13.60 -30.34
CA ARG A 384 51.96 12.41 -31.06
C ARG A 384 51.25 12.26 -32.40
N ARG A 385 51.88 11.51 -33.31
CA ARG A 385 51.43 11.28 -34.68
C ARG A 385 50.68 9.97 -34.75
N ILE A 386 49.48 10.00 -35.35
CA ILE A 386 48.64 8.81 -35.49
C ILE A 386 48.21 8.57 -36.92
N LYS A 387 47.98 7.30 -37.29
CA LYS A 387 47.43 6.88 -38.59
C LYS A 387 46.20 6.08 -38.21
N LEU A 388 45.00 6.58 -38.58
CA LEU A 388 43.72 6.00 -38.18
C LEU A 388 42.95 5.18 -39.22
N TYR A 389 42.36 4.07 -38.77
CA TYR A 389 41.42 3.28 -39.58
C TYR A 389 40.16 3.24 -38.79
N ALA A 390 39.00 3.54 -39.42
CA ALA A 390 37.71 3.50 -38.74
C ALA A 390 36.92 2.37 -39.39
N VAL A 391 36.81 1.23 -38.68
CA VAL A 391 36.16 0.02 -39.17
C VAL A 391 34.73 -0.07 -38.66
N GLU A 392 33.75 -0.22 -39.59
CA GLU A 392 32.35 -0.29 -39.22
C GLU A 392 31.59 -1.22 -40.14
N LYS A 393 30.86 -2.20 -39.59
CA LYS A 393 30.12 -3.14 -40.43
C LYS A 393 28.73 -2.62 -40.88
N ASN A 394 28.13 -1.66 -40.11
CA ASN A 394 26.81 -1.08 -40.40
C ASN A 394 26.95 -0.10 -41.60
N PRO A 395 26.44 -0.39 -42.84
CA PRO A 395 26.67 0.54 -43.97
C PRO A 395 25.99 1.91 -43.83
N ASN A 396 24.96 1.98 -42.99
CA ASN A 396 24.22 3.22 -42.78
C ASN A 396 25.08 4.23 -42.04
N ALA A 397 25.79 3.76 -40.99
CA ALA A 397 26.75 4.53 -40.17
C ALA A 397 27.97 4.85 -41.05
N VAL A 398 28.38 3.91 -41.93
CA VAL A 398 29.46 4.12 -42.91
C VAL A 398 29.19 5.37 -43.76
N VAL A 399 27.90 5.73 -44.00
CA VAL A 399 27.54 6.93 -44.78
C VAL A 399 28.01 8.17 -44.00
N THR A 400 27.66 8.24 -42.70
CA THR A 400 28.07 9.34 -41.80
C THR A 400 29.60 9.46 -41.75
N LEU A 401 30.29 8.32 -41.56
CA LEU A 401 31.76 8.25 -41.51
C LEU A 401 32.41 8.73 -42.78
N GLU A 402 31.85 8.35 -43.94
CA GLU A 402 32.44 8.75 -45.22
C GLU A 402 32.23 10.21 -45.54
N ASN A 403 31.08 10.77 -45.10
CA ASN A 403 30.80 12.19 -45.23
C ASN A 403 31.74 12.99 -44.28
N TRP A 404 31.99 12.50 -43.02
CA TRP A 404 32.96 13.09 -42.07
C TRP A 404 34.37 13.05 -42.67
N GLN A 405 34.77 11.90 -43.25
CA GLN A 405 36.10 11.70 -43.86
C GLN A 405 36.39 12.69 -45.00
N PHE A 406 35.40 12.95 -45.87
CA PHE A 406 35.58 13.86 -46.98
C PHE A 406 35.62 15.31 -46.51
N GLU A 407 34.64 15.70 -45.68
CA GLU A 407 34.48 17.07 -45.18
C GLU A 407 35.49 17.53 -44.15
N GLU A 408 35.87 16.66 -43.20
CA GLU A 408 36.72 17.07 -42.09
C GLU A 408 38.04 16.32 -41.88
N TRP A 409 37.99 14.99 -41.68
CA TRP A 409 39.14 14.16 -41.34
C TRP A 409 40.27 14.12 -42.35
N GLY A 410 39.93 13.85 -43.60
CA GLY A 410 40.91 13.72 -44.66
C GLY A 410 41.62 12.38 -44.64
N SER A 411 42.74 12.32 -45.34
CA SER A 411 43.63 11.18 -45.55
C SER A 411 44.13 10.50 -44.27
N GLN A 412 44.21 11.25 -43.14
CA GLN A 412 44.60 10.71 -41.84
C GLN A 412 43.66 9.57 -41.41
N VAL A 413 42.38 9.62 -41.83
CA VAL A 413 41.43 8.57 -41.51
C VAL A 413 41.05 7.75 -42.75
N THR A 414 41.16 6.43 -42.65
CA THR A 414 40.74 5.47 -43.68
C THR A 414 39.48 4.78 -43.09
N VAL A 415 38.32 5.01 -43.71
CA VAL A 415 37.04 4.40 -43.32
C VAL A 415 36.96 3.04 -44.02
N VAL A 416 36.68 1.97 -43.26
CA VAL A 416 36.61 0.59 -43.76
C VAL A 416 35.19 0.07 -43.49
N SER A 417 34.45 -0.30 -44.55
CA SER A 417 33.10 -0.82 -44.40
C SER A 417 33.21 -2.34 -44.39
N SER A 418 33.39 -2.91 -43.19
CA SER A 418 33.67 -4.35 -43.07
C SER A 418 33.42 -4.84 -41.68
N ASP A 419 33.27 -6.17 -41.55
CA ASP A 419 33.19 -6.81 -40.25
C ASP A 419 34.65 -6.97 -39.84
N MET A 420 35.02 -6.58 -38.60
CA MET A 420 36.39 -6.69 -38.12
C MET A 420 36.93 -8.11 -38.13
N ARG A 421 36.03 -9.12 -38.14
CA ARG A 421 36.40 -10.54 -38.14
C ARG A 421 36.78 -11.03 -39.55
N GLU A 422 36.45 -10.26 -40.59
CA GLU A 422 36.70 -10.63 -41.98
C GLU A 422 37.73 -9.73 -42.65
N TRP A 423 37.85 -8.49 -42.17
CA TRP A 423 38.77 -7.51 -42.77
C TRP A 423 40.22 -8.00 -42.91
N VAL A 424 40.78 -7.89 -44.13
CA VAL A 424 42.16 -8.24 -44.44
C VAL A 424 42.84 -6.89 -44.27
N ALA A 425 43.36 -6.62 -43.06
CA ALA A 425 44.01 -5.34 -42.76
C ALA A 425 45.29 -5.18 -43.60
N PRO A 426 45.59 -3.98 -44.16
CA PRO A 426 46.81 -3.84 -44.99
C PRO A 426 48.07 -3.61 -44.18
N GLU A 427 47.93 -3.35 -42.87
CA GLU A 427 49.01 -3.00 -41.94
C GLU A 427 48.58 -3.50 -40.56
N LYS A 428 49.53 -3.72 -39.66
CA LYS A 428 49.22 -4.12 -38.29
C LYS A 428 49.05 -2.90 -37.42
N ALA A 429 48.23 -3.01 -36.38
CA ALA A 429 47.95 -1.88 -35.47
C ALA A 429 48.83 -1.88 -34.23
N ASP A 430 49.08 -0.67 -33.71
CA ASP A 430 49.75 -0.43 -32.44
C ASP A 430 48.70 -0.48 -31.33
N ILE A 431 47.51 0.11 -31.62
CA ILE A 431 46.35 0.18 -30.72
C ILE A 431 45.08 -0.09 -31.47
N ILE A 432 44.24 -0.96 -30.90
CA ILE A 432 42.88 -1.20 -31.36
C ILE A 432 41.98 -0.65 -30.28
N VAL A 433 41.06 0.24 -30.67
CA VAL A 433 40.11 0.92 -29.77
C VAL A 433 38.71 0.42 -30.12
N SER A 434 37.92 -0.01 -29.14
CA SER A 434 36.54 -0.47 -29.43
C SER A 434 35.67 -0.18 -28.24
N GLU A 435 34.38 -0.07 -28.48
CA GLU A 435 33.36 0.07 -27.46
C GLU A 435 32.24 -0.85 -27.91
N LEU A 436 32.41 -2.16 -27.65
CA LEU A 436 31.46 -3.20 -28.05
C LEU A 436 30.77 -3.84 -26.84
N LEU A 437 30.66 -3.06 -25.76
CA LEU A 437 30.17 -3.52 -24.47
C LEU A 437 28.71 -3.32 -24.20
N GLY A 438 28.12 -4.37 -23.65
CA GLY A 438 26.71 -4.35 -23.24
C GLY A 438 26.61 -4.07 -21.76
N SER A 439 25.39 -4.09 -21.20
CA SER A 439 25.16 -3.87 -19.77
C SER A 439 25.75 -4.98 -18.89
N PHE A 440 25.97 -6.16 -19.47
CA PHE A 440 26.57 -7.33 -18.80
C PHE A 440 27.99 -7.61 -19.37
N ALA A 441 28.64 -6.53 -19.87
CA ALA A 441 29.97 -6.48 -20.49
C ALA A 441 30.05 -7.22 -21.83
N ASP A 442 30.11 -8.55 -21.81
CA ASP A 442 30.29 -9.41 -22.99
C ASP A 442 29.04 -9.76 -23.78
N ASN A 443 27.85 -9.23 -23.37
CA ASN A 443 26.57 -9.54 -24.01
C ASN A 443 26.34 -8.96 -25.41
N GLU A 444 27.23 -8.05 -25.89
CA GLU A 444 27.12 -7.58 -27.29
C GLU A 444 28.14 -8.34 -28.14
N LEU A 445 28.84 -9.33 -27.52
CA LEU A 445 29.83 -10.21 -28.19
C LEU A 445 31.20 -9.58 -28.50
N SER A 446 31.64 -8.63 -27.63
CA SER A 446 32.98 -7.99 -27.70
C SER A 446 34.08 -9.09 -27.69
N PRO A 447 34.03 -10.17 -26.86
CA PRO A 447 35.10 -11.20 -26.94
C PRO A 447 35.25 -11.83 -28.32
N GLU A 448 34.13 -12.27 -28.94
CA GLU A 448 34.16 -12.90 -30.27
C GLU A 448 34.67 -11.94 -31.35
N CYS A 449 34.26 -10.67 -31.27
CA CYS A 449 34.65 -9.64 -32.24
C CYS A 449 36.13 -9.31 -32.13
N LEU A 450 36.63 -9.05 -30.90
CA LEU A 450 38.04 -8.72 -30.72
C LEU A 450 38.97 -9.92 -30.91
N ASP A 451 38.46 -11.17 -30.75
CA ASP A 451 39.23 -12.40 -30.98
C ASP A 451 39.54 -12.53 -32.48
N GLY A 452 38.56 -12.19 -33.32
CA GLY A 452 38.69 -12.22 -34.77
C GLY A 452 39.56 -11.11 -35.33
N ALA A 453 39.66 -9.99 -34.61
CA ALA A 453 40.45 -8.83 -35.01
C ALA A 453 41.88 -8.91 -34.48
N GLN A 454 42.11 -9.75 -33.46
CA GLN A 454 43.41 -9.94 -32.78
C GLN A 454 44.62 -10.13 -33.71
N HIS A 455 44.46 -10.91 -34.79
CA HIS A 455 45.55 -11.17 -35.74
C HIS A 455 46.15 -9.94 -36.42
N PHE A 456 45.44 -8.80 -36.46
CA PHE A 456 46.03 -7.59 -37.04
C PHE A 456 46.61 -6.60 -36.04
N LEU A 457 46.64 -6.98 -34.77
CA LEU A 457 47.26 -6.18 -33.73
C LEU A 457 48.71 -6.67 -33.64
N LYS A 458 49.70 -5.75 -33.61
CA LYS A 458 51.13 -6.06 -33.49
C LYS A 458 51.39 -6.90 -32.22
N ASP A 459 52.53 -7.65 -32.17
CA ASP A 459 52.92 -8.49 -31.04
C ASP A 459 52.95 -7.75 -29.68
N ASP A 460 53.38 -6.47 -29.67
CA ASP A 460 53.40 -5.61 -28.48
C ASP A 460 52.17 -4.65 -28.44
N GLY A 461 51.20 -4.87 -29.34
CA GLY A 461 49.99 -4.07 -29.47
C GLY A 461 49.13 -3.99 -28.23
N VAL A 462 48.36 -2.88 -28.10
CA VAL A 462 47.42 -2.62 -27.00
C VAL A 462 45.97 -2.60 -27.51
N SER A 463 45.08 -3.25 -26.77
CA SER A 463 43.66 -3.21 -27.01
C SER A 463 43.04 -2.32 -25.94
N ILE A 464 42.22 -1.34 -26.35
CA ILE A 464 41.45 -0.47 -25.44
C ILE A 464 39.98 -0.80 -25.76
N PRO A 465 39.21 -1.49 -24.88
CA PRO A 465 39.53 -1.89 -23.49
C PRO A 465 40.50 -3.06 -23.38
N GLY A 466 41.23 -3.11 -22.26
CA GLY A 466 42.16 -4.19 -21.99
C GLY A 466 41.48 -5.36 -21.29
N GLU A 467 40.41 -5.06 -20.55
CA GLU A 467 39.71 -6.05 -19.74
C GLU A 467 38.33 -5.55 -19.38
N TYR A 468 37.41 -6.49 -19.09
CA TYR A 468 36.07 -6.23 -18.57
C TYR A 468 35.58 -7.41 -17.77
N THR A 469 34.75 -7.11 -16.78
CA THR A 469 34.20 -8.07 -15.84
C THR A 469 32.72 -7.78 -15.64
N SER A 470 31.89 -8.81 -15.73
CA SER A 470 30.48 -8.69 -15.42
C SER A 470 30.29 -8.97 -13.89
N PHE A 471 29.18 -8.47 -13.31
CA PHE A 471 28.83 -8.64 -11.91
C PHE A 471 27.37 -9.00 -11.82
N LEU A 472 27.01 -9.81 -10.82
CA LEU A 472 25.64 -10.19 -10.57
C LEU A 472 25.32 -9.91 -9.12
N ALA A 473 24.06 -9.58 -8.83
CA ALA A 473 23.56 -9.38 -7.45
C ALA A 473 22.10 -9.87 -7.37
N PRO A 474 21.73 -10.70 -6.36
CA PRO A 474 20.30 -11.12 -6.25
C PRO A 474 19.42 -9.95 -5.89
N ILE A 475 18.20 -9.91 -6.46
CA ILE A 475 17.26 -8.82 -6.20
C ILE A 475 15.87 -9.34 -5.89
N SER A 476 15.11 -8.52 -5.16
CA SER A 476 13.72 -8.75 -4.85
C SER A 476 12.96 -7.60 -5.47
N SER A 477 11.91 -7.91 -6.23
CA SER A 477 11.01 -6.94 -6.82
C SER A 477 9.79 -7.64 -7.36
N SER A 478 8.70 -7.67 -6.58
CA SER A 478 7.44 -8.24 -7.06
C SER A 478 6.90 -7.35 -8.18
N LYS A 479 7.24 -6.05 -8.15
CA LYS A 479 6.87 -5.10 -9.23
C LYS A 479 7.49 -5.57 -10.59
N LEU A 480 8.81 -5.83 -10.63
CA LEU A 480 9.49 -6.31 -11.85
C LEU A 480 9.10 -7.71 -12.25
N TYR A 481 8.90 -8.61 -11.26
CA TYR A 481 8.45 -9.97 -11.55
C TYR A 481 7.11 -9.93 -12.38
N ASN A 482 6.18 -9.06 -11.97
CA ASN A 482 4.89 -8.92 -12.61
C ASN A 482 5.02 -8.26 -13.99
N GLU A 483 5.99 -7.34 -14.12
CA GLU A 483 6.33 -6.67 -15.36
C GLU A 483 6.84 -7.70 -16.42
N VAL A 484 7.71 -8.66 -16.01
CA VAL A 484 8.24 -9.73 -16.88
C VAL A 484 7.09 -10.69 -17.23
N ARG A 485 6.28 -11.06 -16.20
CA ARG A 485 5.12 -11.94 -16.32
C ARG A 485 4.15 -11.51 -17.44
N ALA A 486 3.92 -10.18 -17.57
CA ALA A 486 3.02 -9.59 -18.56
C ALA A 486 3.63 -9.56 -19.97
N CYS A 487 4.85 -10.09 -20.16
CA CYS A 487 5.52 -10.13 -21.49
C CYS A 487 5.25 -11.45 -22.24
N ARG A 488 4.18 -12.18 -21.85
CA ARG A 488 3.80 -13.42 -22.53
C ARG A 488 3.27 -13.01 -23.90
N GLU A 489 3.82 -13.59 -24.97
CA GLU A 489 3.39 -13.30 -26.35
C GLU A 489 2.82 -14.55 -27.00
N LYS A 490 1.96 -14.38 -28.03
CA LYS A 490 1.38 -15.46 -28.85
C LYS A 490 2.54 -16.14 -29.61
N ASP A 491 2.33 -17.40 -30.03
CA ASP A 491 3.26 -18.14 -30.91
C ASP A 491 4.66 -18.39 -30.40
N ARG A 492 4.81 -18.39 -29.08
CA ARG A 492 6.05 -18.74 -28.43
C ARG A 492 5.72 -19.42 -27.12
N ASP A 493 6.73 -20.05 -26.53
CA ASP A 493 6.63 -20.70 -25.24
C ASP A 493 6.01 -19.70 -24.24
N PRO A 494 4.96 -20.13 -23.49
CA PRO A 494 4.30 -19.21 -22.57
C PRO A 494 5.16 -18.71 -21.40
N GLU A 495 6.37 -19.31 -21.22
CA GLU A 495 7.28 -18.91 -20.16
C GLU A 495 8.62 -18.34 -20.68
N ALA A 496 8.74 -18.11 -22.03
CA ALA A 496 9.96 -17.57 -22.65
C ALA A 496 10.42 -16.23 -22.08
N GLN A 497 9.47 -15.34 -21.71
CA GLN A 497 9.76 -14.02 -21.12
C GLN A 497 10.64 -14.11 -19.84
N PHE A 498 10.62 -15.24 -19.14
CA PHE A 498 11.45 -15.41 -17.93
C PHE A 498 12.85 -15.93 -18.25
N GLU A 499 13.06 -16.37 -19.50
CA GLU A 499 14.35 -16.95 -19.92
C GLU A 499 15.14 -16.01 -20.82
N MET A 500 15.05 -14.71 -20.53
CA MET A 500 15.79 -13.72 -21.35
C MET A 500 16.12 -12.52 -20.50
N PRO A 501 17.29 -11.88 -20.72
CA PRO A 501 17.62 -10.70 -19.92
C PRO A 501 16.93 -9.45 -20.45
N TYR A 502 16.77 -8.45 -19.60
CA TYR A 502 16.18 -7.17 -19.97
C TYR A 502 17.11 -6.05 -19.54
N VAL A 503 17.26 -5.01 -20.36
CA VAL A 503 18.00 -3.84 -19.94
C VAL A 503 16.92 -3.03 -19.19
N VAL A 504 17.17 -2.66 -17.93
CA VAL A 504 16.14 -1.94 -17.15
C VAL A 504 16.80 -1.04 -16.11
N ARG A 505 16.33 0.22 -16.00
CA ARG A 505 16.77 1.13 -14.96
C ARG A 505 16.02 0.70 -13.67
N LEU A 506 16.59 -0.28 -12.92
CA LEU A 506 16.02 -0.85 -11.67
C LEU A 506 15.73 0.27 -10.69
N HIS A 507 14.49 0.33 -10.18
CA HIS A 507 14.05 1.42 -9.32
C HIS A 507 13.34 0.92 -8.05
N ASN A 508 12.21 0.23 -8.23
CA ASN A 508 11.46 -0.33 -7.11
C ASN A 508 11.91 -1.78 -6.91
N PHE A 509 12.97 -1.91 -6.12
CA PHE A 509 13.63 -3.19 -5.89
C PHE A 509 14.51 -3.17 -4.64
N HIS A 510 14.93 -4.35 -4.24
CA HIS A 510 15.79 -4.55 -3.10
C HIS A 510 16.98 -5.39 -3.54
N GLN A 511 18.21 -4.87 -3.44
CA GLN A 511 19.41 -5.64 -3.74
C GLN A 511 19.71 -6.44 -2.48
N LEU A 512 19.76 -7.77 -2.61
CA LEU A 512 19.82 -8.69 -1.48
C LEU A 512 21.18 -9.10 -0.98
N SER A 513 22.21 -8.91 -1.81
CA SER A 513 23.60 -9.19 -1.47
C SER A 513 24.50 -8.37 -2.39
N ALA A 514 25.71 -8.07 -1.93
CA ALA A 514 26.71 -7.27 -2.66
C ALA A 514 27.01 -7.87 -4.03
N PRO A 515 27.11 -7.06 -5.12
CA PRO A 515 27.45 -7.64 -6.43
C PRO A 515 28.78 -8.41 -6.39
N GLN A 516 28.81 -9.60 -7.03
CA GLN A 516 30.02 -10.43 -7.08
C GLN A 516 30.43 -10.60 -8.56
N PRO A 517 31.73 -10.71 -8.85
CA PRO A 517 32.15 -10.87 -10.26
C PRO A 517 31.69 -12.19 -10.86
N CYS A 518 31.25 -12.14 -12.11
CA CYS A 518 30.76 -13.32 -12.79
C CYS A 518 31.80 -13.76 -13.85
N PHE A 519 31.85 -13.10 -15.02
CA PHE A 519 32.77 -13.46 -16.12
C PHE A 519 33.77 -12.36 -16.47
N THR A 520 35.04 -12.75 -16.76
CA THR A 520 36.12 -11.83 -17.16
C THR A 520 36.71 -12.24 -18.51
N PHE A 521 37.04 -11.22 -19.33
CA PHE A 521 37.69 -11.34 -20.64
C PHE A 521 38.81 -10.33 -20.70
N SER A 522 39.93 -10.73 -21.29
CA SER A 522 41.14 -9.91 -21.44
C SER A 522 41.55 -9.85 -22.89
N HIS A 523 41.97 -8.66 -23.36
CA HIS A 523 42.35 -8.43 -24.75
C HIS A 523 43.71 -7.74 -24.78
N PRO A 524 44.68 -8.27 -25.56
CA PRO A 524 44.62 -9.47 -26.43
C PRO A 524 44.55 -10.77 -25.62
N ASN A 525 43.90 -11.80 -26.18
CA ASN A 525 43.68 -13.11 -25.54
C ASN A 525 44.79 -14.08 -25.92
N ARG A 526 45.66 -14.40 -24.94
CA ARG A 526 46.82 -15.27 -25.12
C ARG A 526 46.69 -16.66 -24.42
N ASP A 527 45.51 -17.29 -24.56
CA ASP A 527 45.21 -18.63 -24.05
C ASP A 527 44.69 -19.43 -25.27
N PRO A 528 45.62 -19.93 -26.16
CA PRO A 528 45.21 -20.63 -27.41
C PRO A 528 43.91 -21.40 -27.47
N MET A 529 43.16 -21.15 -28.57
CA MET A 529 41.80 -21.63 -28.90
C MET A 529 40.74 -20.85 -28.06
N ILE A 530 41.21 -19.79 -27.35
CA ILE A 530 40.46 -18.85 -26.52
C ILE A 530 39.50 -19.46 -25.47
N ASP A 531 38.38 -20.04 -26.00
CA ASP A 531 37.24 -20.62 -25.33
C ASP A 531 36.54 -19.56 -24.48
N ASN A 532 35.60 -18.86 -25.13
CA ASN A 532 34.81 -17.79 -24.55
C ASN A 532 33.61 -18.33 -23.77
N ASN A 533 33.45 -19.67 -23.74
CA ASN A 533 32.41 -20.33 -22.97
C ASN A 533 32.84 -20.29 -21.52
N ARG A 534 31.87 -20.14 -20.61
CA ARG A 534 32.15 -20.01 -19.21
C ARG A 534 31.11 -20.60 -18.28
N TYR A 535 31.53 -20.97 -17.05
CA TYR A 535 30.67 -21.53 -16.02
C TYR A 535 31.08 -20.95 -14.65
N CYS A 536 30.16 -20.27 -13.98
CA CYS A 536 30.41 -19.63 -12.70
C CYS A 536 29.39 -19.97 -11.66
N THR A 537 29.84 -20.29 -10.44
CA THR A 537 28.99 -20.52 -9.26
C THR A 537 29.20 -19.36 -8.30
N LEU A 538 28.11 -18.70 -7.88
CA LEU A 538 28.19 -17.57 -6.94
C LEU A 538 27.32 -17.86 -5.73
N GLU A 539 27.86 -17.58 -4.53
CA GLU A 539 27.19 -17.79 -3.24
C GLU A 539 27.03 -16.42 -2.58
N PHE A 540 25.77 -15.99 -2.47
CA PHE A 540 25.37 -14.70 -1.91
C PHE A 540 24.78 -14.77 -0.50
N PRO A 541 25.49 -14.23 0.53
CA PRO A 541 24.90 -14.20 1.88
C PRO A 541 23.71 -13.23 1.94
N VAL A 542 22.61 -13.65 2.55
CA VAL A 542 21.40 -12.82 2.63
C VAL A 542 21.06 -12.64 4.10
N GLU A 543 21.00 -11.38 4.54
CA GLU A 543 20.77 -11.00 5.93
C GLU A 543 19.30 -10.64 6.21
N VAL A 544 18.40 -10.79 5.23
CA VAL A 544 16.98 -10.42 5.38
C VAL A 544 16.01 -11.54 5.00
N ASN A 545 14.76 -11.41 5.44
CA ASN A 545 13.69 -12.29 4.99
C ASN A 545 13.25 -11.63 3.72
N THR A 546 13.13 -12.42 2.64
CA THR A 546 12.78 -11.82 1.36
C THR A 546 12.23 -12.84 0.38
N VAL A 547 12.05 -12.37 -0.87
CA VAL A 547 11.62 -13.17 -2.02
C VAL A 547 12.54 -12.82 -3.17
N LEU A 548 13.18 -13.84 -3.73
CA LEU A 548 14.09 -13.68 -4.84
C LEU A 548 13.32 -13.71 -6.16
N HIS A 549 13.52 -12.68 -7.03
CA HIS A 549 12.85 -12.59 -8.33
C HIS A 549 13.79 -12.58 -9.54
N GLY A 550 15.08 -12.41 -9.32
CA GLY A 550 16.05 -12.36 -10.41
C GLY A 550 17.40 -11.84 -9.97
N PHE A 551 18.31 -11.61 -10.95
CA PHE A 551 19.67 -11.12 -10.69
C PHE A 551 19.92 -9.84 -11.47
N ALA A 552 20.41 -8.79 -10.81
CA ALA A 552 20.80 -7.56 -11.48
C ALA A 552 22.20 -7.79 -12.03
N GLY A 553 22.42 -7.37 -13.26
CA GLY A 553 23.74 -7.50 -13.87
C GLY A 553 24.35 -6.15 -14.15
N TYR A 554 25.65 -6.03 -13.91
CA TYR A 554 26.43 -4.81 -14.14
C TYR A 554 27.78 -5.20 -14.73
N PHE A 555 28.65 -4.22 -14.96
CA PHE A 555 30.02 -4.49 -15.44
C PHE A 555 30.97 -3.38 -15.05
N GLU A 556 32.27 -3.69 -15.17
CA GLU A 556 33.38 -2.75 -15.04
C GLU A 556 34.31 -3.06 -16.18
N THR A 557 35.04 -2.05 -16.63
CA THR A 557 36.00 -2.25 -17.71
C THR A 557 37.22 -1.42 -17.43
N VAL A 558 38.38 -1.99 -17.72
CA VAL A 558 39.66 -1.28 -17.66
C VAL A 558 39.89 -0.86 -19.11
N LEU A 559 39.84 0.46 -19.38
CA LEU A 559 40.12 0.96 -20.73
C LEU A 559 41.62 0.85 -20.94
N TYR A 560 42.40 1.43 -20.00
CA TYR A 560 43.86 1.41 -19.97
C TYR A 560 44.33 1.78 -18.57
N GLN A 561 45.07 0.87 -17.96
CA GLN A 561 45.63 1.01 -16.61
C GLN A 561 44.59 1.41 -15.56
N ASP A 562 44.62 2.67 -15.08
CA ASP A 562 43.69 3.19 -14.06
C ASP A 562 42.47 3.88 -14.64
N ILE A 563 42.40 3.97 -15.96
CA ILE A 563 41.27 4.60 -16.62
C ILE A 563 40.23 3.53 -16.84
N THR A 564 39.12 3.67 -16.14
CA THR A 564 38.07 2.67 -16.15
C THR A 564 36.69 3.30 -16.41
N LEU A 565 35.70 2.43 -16.63
CA LEU A 565 34.28 2.73 -16.72
C LEU A 565 33.59 1.66 -15.88
N SER A 566 32.55 2.06 -15.15
CA SER A 566 31.81 1.12 -14.34
C SER A 566 30.33 1.49 -14.20
N ILE A 567 29.48 0.49 -14.22
CA ILE A 567 28.09 0.65 -13.87
C ILE A 567 27.74 -0.12 -12.58
N ARG A 568 28.73 -0.76 -11.97
CA ARG A 568 28.54 -1.42 -10.68
C ARG A 568 28.13 -0.31 -9.69
N PRO A 569 26.98 -0.42 -8.96
CA PRO A 569 26.55 0.71 -8.12
C PRO A 569 27.64 1.31 -7.21
N GLU A 570 28.41 0.45 -6.53
CA GLU A 570 29.43 0.90 -5.59
C GLU A 570 30.59 1.70 -6.19
N THR A 571 30.93 1.46 -7.49
CA THR A 571 32.02 2.12 -8.23
C THR A 571 31.49 2.80 -9.52
N HIS A 572 30.17 3.13 -9.57
CA HIS A 572 29.56 3.72 -10.77
C HIS A 572 30.27 4.98 -11.23
N SER A 573 30.68 5.02 -12.53
CA SER A 573 31.32 6.18 -13.13
C SER A 573 30.32 7.34 -13.00
N PRO A 574 30.71 8.47 -12.38
CA PRO A 574 29.75 9.58 -12.18
C PRO A 574 29.28 10.27 -13.46
N GLY A 575 27.97 10.41 -13.57
CA GLY A 575 27.33 11.06 -14.72
C GLY A 575 27.29 10.26 -16.01
N MET A 576 27.66 8.95 -15.96
CA MET A 576 27.66 8.08 -17.15
C MET A 576 26.36 7.29 -17.29
N PHE A 577 25.59 7.59 -18.32
CA PHE A 577 24.29 6.96 -18.50
C PHE A 577 24.12 6.05 -19.76
N SER A 578 25.24 5.66 -20.43
CA SER A 578 25.23 4.79 -21.61
C SER A 578 24.62 3.40 -21.37
N TRP A 579 24.73 2.91 -20.13
CA TRP A 579 24.24 1.57 -19.79
C TRP A 579 23.40 1.58 -18.55
N PHE A 580 22.20 1.00 -18.65
CA PHE A 580 21.37 0.75 -17.48
C PHE A 580 21.70 -0.69 -17.05
N PRO A 581 21.40 -1.14 -15.81
CA PRO A 581 21.67 -2.55 -15.49
C PRO A 581 20.84 -3.54 -16.35
N ILE A 582 21.24 -4.79 -16.31
CA ILE A 582 20.52 -5.87 -16.98
C ILE A 582 19.82 -6.65 -15.87
N LEU A 583 18.73 -7.36 -16.20
CA LEU A 583 17.99 -8.17 -15.26
C LEU A 583 17.80 -9.56 -15.84
N PHE A 584 18.22 -10.56 -15.10
CA PHE A 584 17.98 -11.96 -15.45
C PHE A 584 16.85 -12.41 -14.52
N PRO A 585 15.63 -12.60 -15.01
CA PRO A 585 14.55 -13.04 -14.10
C PRO A 585 14.65 -14.53 -13.82
N ILE A 586 13.85 -15.00 -12.87
CA ILE A 586 13.63 -16.42 -12.60
C ILE A 586 12.12 -16.69 -12.74
N LYS A 587 11.75 -17.88 -13.28
CA LYS A 587 10.34 -18.26 -13.57
C LYS A 587 9.47 -18.24 -12.35
N GLN A 588 9.98 -18.81 -11.26
CA GLN A 588 9.23 -18.91 -10.03
C GLN A 588 9.94 -18.21 -8.89
N PRO A 589 9.23 -17.28 -8.21
CA PRO A 589 9.81 -16.59 -7.03
C PRO A 589 10.33 -17.53 -5.94
N ILE A 590 11.44 -17.17 -5.31
CA ILE A 590 12.03 -18.03 -4.27
C ILE A 590 12.08 -17.33 -2.93
N THR A 591 11.42 -17.94 -1.92
CA THR A 591 11.45 -17.47 -0.54
C THR A 591 12.85 -17.67 0.02
N VAL A 592 13.41 -16.62 0.61
CA VAL A 592 14.74 -16.64 1.25
C VAL A 592 14.55 -16.13 2.69
N ARG A 593 15.02 -16.90 3.69
CA ARG A 593 15.00 -16.57 5.11
C ARG A 593 16.30 -15.88 5.49
N GLU A 594 16.26 -15.01 6.51
CA GLU A 594 17.47 -14.32 6.99
C GLU A 594 18.54 -15.34 7.38
N GLY A 595 19.76 -15.07 6.96
CA GLY A 595 20.89 -15.95 7.23
C GLY A 595 21.12 -17.05 6.22
N GLN A 596 20.20 -17.21 5.24
CA GLN A 596 20.38 -18.22 4.20
C GLN A 596 21.33 -17.73 3.08
N THR A 597 21.81 -18.66 2.25
CA THR A 597 22.67 -18.32 1.12
C THR A 597 21.97 -18.57 -0.19
N ILE A 598 22.03 -17.60 -1.10
CA ILE A 598 21.49 -17.76 -2.46
C ILE A 598 22.65 -18.26 -3.28
N CYS A 599 22.52 -19.45 -3.84
CA CYS A 599 23.57 -19.95 -4.74
C CYS A 599 23.02 -19.92 -6.18
N VAL A 600 23.69 -19.16 -7.09
CA VAL A 600 23.30 -19.06 -8.50
C VAL A 600 24.41 -19.64 -9.39
N ARG A 601 24.01 -20.21 -10.52
CA ARG A 601 24.94 -20.78 -11.49
C ARG A 601 24.69 -20.09 -12.80
N PHE A 602 25.72 -19.56 -13.45
CA PHE A 602 25.60 -18.89 -14.74
C PHE A 602 26.56 -19.51 -15.73
N TRP A 603 26.08 -19.74 -16.98
CA TRP A 603 26.88 -20.27 -18.07
C TRP A 603 26.84 -19.33 -19.25
N ARG A 604 27.98 -19.19 -19.94
CA ARG A 604 28.10 -18.46 -21.18
C ARG A 604 28.35 -19.56 -22.22
N CYS A 605 27.40 -19.72 -23.14
CA CYS A 605 27.40 -20.80 -24.11
C CYS A 605 27.42 -20.27 -25.51
N SER A 606 27.82 -21.12 -26.46
CA SER A 606 27.88 -20.76 -27.86
C SER A 606 27.98 -21.98 -28.77
N ASN A 607 27.76 -21.72 -30.05
CA ASN A 607 28.02 -22.57 -31.21
C ASN A 607 28.62 -21.57 -32.21
N SER A 608 28.85 -21.97 -33.46
CA SER A 608 29.42 -21.03 -34.42
C SER A 608 28.42 -19.96 -34.90
N LYS A 609 27.15 -20.05 -34.47
CA LYS A 609 26.10 -19.15 -34.97
C LYS A 609 25.58 -18.17 -33.96
N LYS A 610 25.54 -18.61 -32.67
CA LYS A 610 24.94 -17.86 -31.60
C LYS A 610 25.72 -18.03 -30.29
N VAL A 611 25.53 -17.07 -29.38
CA VAL A 611 26.01 -17.02 -28.01
C VAL A 611 24.78 -16.77 -27.16
N TRP A 612 24.72 -17.39 -25.98
CA TRP A 612 23.60 -17.22 -25.04
C TRP A 612 24.09 -17.46 -23.60
N TYR A 613 23.24 -17.12 -22.63
CA TYR A 613 23.44 -17.38 -21.22
C TYR A 613 22.41 -18.40 -20.77
N GLU A 614 22.79 -19.23 -19.80
CA GLU A 614 21.89 -20.16 -19.12
C GLU A 614 22.14 -19.92 -17.66
N TRP A 615 21.10 -20.01 -16.83
CA TRP A 615 21.25 -19.74 -15.40
C TRP A 615 20.32 -20.57 -14.54
N ALA A 616 20.72 -20.82 -13.28
CA ALA A 616 19.92 -21.58 -12.33
C ALA A 616 20.25 -21.20 -10.93
N VAL A 617 19.25 -21.30 -10.04
CA VAL A 617 19.42 -21.10 -8.61
C VAL A 617 19.47 -22.53 -8.05
N THR A 618 20.45 -22.82 -7.19
CA THR A 618 20.59 -24.15 -6.56
C THR A 618 20.42 -24.15 -4.99
N ALA A 619 20.46 -22.98 -4.35
CA ALA A 619 20.24 -22.81 -2.92
C ALA A 619 19.56 -21.43 -2.69
N PRO A 620 18.60 -21.28 -1.74
CA PRO A 620 18.11 -22.30 -0.78
C PRO A 620 17.30 -23.43 -1.41
N VAL A 621 16.74 -23.23 -2.62
CA VAL A 621 15.98 -24.25 -3.40
C VAL A 621 16.45 -24.24 -4.85
N CYS A 622 16.26 -25.37 -5.60
CA CYS A 622 16.66 -25.38 -7.02
C CYS A 622 15.57 -24.76 -7.88
N SER A 623 15.97 -24.09 -8.97
CA SER A 623 15.06 -23.58 -9.99
C SER A 623 15.34 -24.50 -11.18
N ALA A 624 14.58 -24.34 -12.24
CA ALA A 624 14.88 -25.03 -13.49
C ALA A 624 16.12 -24.32 -14.07
N ILE A 625 16.86 -24.96 -14.96
CA ILE A 625 17.90 -24.26 -15.70
C ILE A 625 17.07 -23.37 -16.70
N HIS A 626 17.37 -22.05 -16.74
CA HIS A 626 16.73 -21.06 -17.58
C HIS A 626 17.52 -20.90 -18.85
N ASN A 627 16.78 -20.83 -19.98
CA ASN A 627 17.25 -20.69 -21.35
C ASN A 627 18.15 -21.85 -21.81
N PRO A 628 17.82 -23.13 -21.56
CA PRO A 628 18.71 -24.21 -22.07
C PRO A 628 18.78 -24.20 -23.59
N THR A 629 20.00 -24.29 -24.12
CA THR A 629 20.37 -24.32 -25.54
C THR A 629 19.96 -23.01 -26.26
N GLY A 630 19.72 -21.94 -25.49
CA GLY A 630 19.27 -20.67 -26.04
C GLY A 630 17.87 -20.75 -26.63
N ARG A 631 17.00 -21.65 -26.09
CA ARG A 631 15.64 -21.81 -26.61
C ARG A 631 14.76 -20.54 -26.60
N SER A 632 15.00 -19.60 -25.66
CA SER A 632 14.19 -18.37 -25.57
C SER A 632 14.97 -17.14 -25.95
N TYR A 633 16.28 -17.17 -25.83
CA TYR A 633 17.12 -16.01 -26.06
C TYR A 633 18.48 -16.44 -26.59
N THR A 634 18.92 -15.78 -27.69
CA THR A 634 20.24 -15.94 -28.27
C THR A 634 20.75 -14.59 -28.77
N ILE A 635 22.08 -14.48 -28.86
CA ILE A 635 22.81 -13.31 -29.35
C ILE A 635 23.48 -13.76 -30.65
N GLY A 636 23.01 -13.24 -31.77
CA GLY A 636 23.51 -13.59 -33.10
C GLY A 636 24.95 -13.18 -33.34
N LEU A 637 25.74 -14.11 -33.92
CA LEU A 637 27.12 -13.92 -34.32
C LEU A 637 27.22 -13.43 -35.78
N PRO B 23 -43.37 21.99 15.26
CA PRO B 23 -42.92 22.42 16.60
C PRO B 23 -41.54 23.06 16.58
N ASN B 24 -41.22 23.82 15.49
CA ASN B 24 -39.95 24.49 15.19
C ASN B 24 -38.81 23.47 15.07
N ALA B 25 -39.14 22.28 14.50
CA ALA B 25 -38.29 21.09 14.31
C ALA B 25 -38.26 20.63 12.83
N PRO B 26 -37.37 19.66 12.41
CA PRO B 26 -37.39 19.20 11.01
C PRO B 26 -38.72 18.58 10.57
N ALA B 27 -39.14 18.83 9.32
CA ALA B 27 -40.41 18.35 8.75
C ALA B 27 -40.57 16.83 8.67
N CYS B 28 -39.46 16.10 8.60
CA CYS B 28 -39.48 14.64 8.48
C CYS B 28 -38.27 13.99 9.15
N MET B 29 -38.50 12.99 10.02
CA MET B 29 -37.38 12.28 10.61
C MET B 29 -36.90 11.15 9.69
N GLU B 30 -35.59 10.88 9.74
CA GLU B 30 -34.93 9.88 8.90
C GLU B 30 -35.47 8.49 9.19
N ARG B 31 -35.46 7.62 8.19
CA ARG B 31 -36.01 6.27 8.25
C ARG B 31 -35.42 5.36 9.36
N GLN B 32 -34.08 5.31 9.45
CA GLN B 32 -33.37 4.45 10.39
C GLN B 32 -33.29 4.90 11.87
N LEU B 33 -34.26 4.45 12.69
CA LEU B 33 -34.31 4.74 14.14
C LEU B 33 -33.20 3.95 14.85
N GLU B 34 -32.29 4.68 15.49
CA GLU B 34 -31.14 4.06 16.11
C GLU B 34 -31.24 3.89 17.61
N ALA B 35 -31.86 4.86 18.29
CA ALA B 35 -31.92 4.83 19.74
C ALA B 35 -33.21 5.34 20.31
N ALA B 36 -33.59 4.81 21.48
CA ALA B 36 -34.80 5.18 22.22
C ALA B 36 -34.49 5.06 23.70
N ARG B 37 -34.71 6.14 24.48
CA ARG B 37 -34.43 6.19 25.92
C ARG B 37 -35.49 6.97 26.68
N TYR B 38 -36.13 6.36 27.67
CA TYR B 38 -37.08 7.07 28.55
C TYR B 38 -36.26 7.77 29.62
N ARG B 39 -36.69 8.96 30.04
CA ARG B 39 -36.07 9.64 31.17
C ARG B 39 -37.07 9.51 32.32
N SER B 40 -36.66 9.81 33.56
CA SER B 40 -37.44 9.69 34.80
C SER B 40 -38.94 9.99 34.72
N ASP B 41 -39.32 11.09 34.08
CA ASP B 41 -40.74 11.48 33.96
C ASP B 41 -41.54 10.66 32.91
N GLY B 42 -40.83 9.90 32.07
CA GLY B 42 -41.49 9.07 31.05
C GLY B 42 -41.53 9.66 29.65
N ALA B 43 -40.82 10.79 29.43
CA ALA B 43 -40.69 11.41 28.10
C ALA B 43 -39.73 10.51 27.35
N LEU B 44 -39.87 10.43 26.02
CA LEU B 44 -39.07 9.55 25.19
C LEU B 44 -38.16 10.29 24.22
N LEU B 45 -36.85 10.01 24.31
CA LEU B 45 -35.83 10.59 23.45
C LEU B 45 -35.50 9.59 22.35
N LEU B 46 -35.59 10.04 21.08
CA LEU B 46 -35.29 9.26 19.88
C LEU B 46 -34.10 9.82 19.14
N GLY B 47 -33.31 8.91 18.58
CA GLY B 47 -32.17 9.16 17.72
C GLY B 47 -32.39 8.43 16.43
N ALA B 48 -32.16 9.12 15.30
CA ALA B 48 -32.35 8.60 13.93
C ALA B 48 -31.26 9.07 12.96
N SER B 49 -31.00 8.27 11.92
CA SER B 49 -30.07 8.61 10.84
C SER B 49 -30.69 8.17 9.56
N SER B 50 -30.26 8.79 8.45
CA SER B 50 -30.59 8.38 7.11
C SER B 50 -29.33 7.65 6.69
N LEU B 51 -29.45 6.33 6.58
CA LEU B 51 -28.35 5.44 6.18
C LEU B 51 -28.42 5.20 4.68
N SER B 52 -29.36 5.87 3.99
CA SER B 52 -29.46 5.79 2.53
C SER B 52 -30.03 7.07 1.92
N GLY B 53 -30.13 7.11 0.59
CA GLY B 53 -30.62 8.30 -0.11
C GLY B 53 -29.53 9.36 -0.22
N ARG B 54 -29.92 10.56 -0.71
CA ARG B 54 -29.06 11.71 -0.98
C ARG B 54 -28.22 12.16 0.23
N CYS B 55 -28.91 12.46 1.35
CA CYS B 55 -28.32 13.01 2.54
C CYS B 55 -28.17 11.99 3.66
N TRP B 56 -26.94 11.84 4.19
CA TRP B 56 -26.63 10.95 5.30
C TRP B 56 -26.40 11.74 6.59
N ALA B 57 -27.48 12.23 7.15
CA ALA B 57 -27.41 12.97 8.40
C ALA B 57 -28.23 12.22 9.51
N GLY B 58 -28.59 12.96 10.53
CA GLY B 58 -29.36 12.42 11.63
C GLY B 58 -30.23 13.48 12.28
N SER B 59 -30.94 13.06 13.33
CA SER B 59 -31.84 13.91 14.08
C SER B 59 -32.05 13.37 15.47
N LEU B 60 -32.45 14.25 16.41
CA LEU B 60 -32.73 13.99 17.81
C LEU B 60 -34.14 14.49 18.08
N TRP B 61 -34.97 13.71 18.82
CA TRP B 61 -36.36 14.04 19.10
C TRP B 61 -36.79 13.73 20.51
N LEU B 62 -37.64 14.59 21.07
CA LEU B 62 -38.24 14.37 22.37
C LEU B 62 -39.76 14.27 22.22
N PHE B 63 -40.32 13.19 22.77
CA PHE B 63 -41.76 12.97 22.75
C PHE B 63 -42.24 12.88 24.19
N LYS B 64 -42.94 13.93 24.67
CA LYS B 64 -43.53 13.94 26.01
C LYS B 64 -44.76 13.00 26.02
N ASP B 65 -45.29 12.72 24.83
CA ASP B 65 -46.34 11.75 24.54
C ASP B 65 -45.63 10.66 23.69
N PRO B 66 -45.15 9.55 24.33
CA PRO B 66 -44.42 8.52 23.57
C PRO B 66 -45.27 7.72 22.58
N CYS B 67 -46.60 7.69 22.76
CA CYS B 67 -47.52 6.97 21.87
C CYS B 67 -47.67 7.64 20.51
N ALA B 68 -47.29 8.93 20.40
CA ALA B 68 -47.37 9.69 19.13
C ALA B 68 -46.11 9.44 18.29
N ALA B 69 -45.01 8.96 18.91
CA ALA B 69 -43.74 8.68 18.23
C ALA B 69 -43.92 7.60 17.13
N PRO B 70 -43.31 7.72 15.92
CA PRO B 70 -42.37 8.75 15.46
C PRO B 70 -42.99 9.93 14.66
N ASN B 71 -44.26 10.30 14.92
CA ASN B 71 -44.96 11.38 14.20
C ASN B 71 -44.40 12.77 14.58
N GLU B 72 -43.69 13.40 13.62
CA GLU B 72 -43.00 14.69 13.71
C GLU B 72 -43.86 15.84 14.22
N GLY B 73 -45.08 15.96 13.70
CA GLY B 73 -46.02 17.01 14.08
C GLY B 73 -46.53 16.91 15.51
N PHE B 74 -46.21 15.82 16.21
CA PHE B 74 -46.64 15.55 17.57
C PHE B 74 -45.48 15.40 18.57
N CYS B 75 -44.26 15.84 18.16
CA CYS B 75 -43.11 15.85 19.07
C CYS B 75 -43.16 17.12 19.93
N SER B 76 -42.33 17.15 20.99
CA SER B 76 -42.23 18.30 21.88
C SER B 76 -41.04 19.13 21.40
N ALA B 77 -40.02 18.46 20.86
CA ALA B 77 -38.81 19.06 20.32
C ALA B 77 -38.13 18.11 19.34
N GLY B 78 -37.47 18.70 18.35
CA GLY B 78 -36.70 17.98 17.34
C GLY B 78 -35.59 18.82 16.76
N VAL B 79 -34.46 18.18 16.44
CA VAL B 79 -33.32 18.90 15.88
C VAL B 79 -32.56 18.07 14.86
N GLN B 80 -32.01 18.72 13.83
CA GLN B 80 -31.21 18.06 12.81
C GLN B 80 -29.74 18.12 13.23
N THR B 81 -29.05 16.97 13.15
CA THR B 81 -27.61 16.87 13.44
C THR B 81 -26.91 16.87 12.06
N GLU B 82 -25.63 17.27 11.99
CA GLU B 82 -24.85 17.34 10.75
C GLU B 82 -24.58 15.97 10.08
N ALA B 83 -24.39 14.93 10.90
CA ALA B 83 -24.08 13.56 10.48
C ALA B 83 -24.97 12.59 11.24
N GLY B 84 -24.86 11.29 10.94
CA GLY B 84 -25.68 10.25 11.57
C GLY B 84 -25.46 10.07 13.05
N VAL B 85 -26.45 9.47 13.71
CA VAL B 85 -26.48 9.18 15.14
C VAL B 85 -26.22 7.67 15.26
N ALA B 86 -25.04 7.29 15.75
CA ALA B 86 -24.72 5.86 15.90
C ALA B 86 -25.15 5.36 17.26
N ASP B 87 -25.23 6.27 18.26
CA ASP B 87 -25.64 5.99 19.65
C ASP B 87 -25.91 7.33 20.33
N LEU B 88 -26.69 7.29 21.42
CA LEU B 88 -26.98 8.43 22.26
C LEU B 88 -27.25 7.97 23.67
N THR B 89 -27.36 8.94 24.61
CA THR B 89 -27.68 8.71 26.02
C THR B 89 -28.11 10.02 26.69
N TRP B 90 -28.97 9.91 27.73
CA TRP B 90 -29.34 11.09 28.49
C TRP B 90 -28.14 11.48 29.37
N VAL B 91 -27.99 12.77 29.66
CA VAL B 91 -27.00 13.30 30.59
C VAL B 91 -27.89 14.06 31.56
N GLY B 92 -28.33 13.36 32.60
CA GLY B 92 -29.27 13.92 33.54
C GLY B 92 -30.64 13.94 32.92
N GLU B 93 -31.41 15.01 33.20
CA GLU B 93 -32.78 15.16 32.71
C GLU B 93 -32.90 16.04 31.44
N ARG B 94 -31.89 16.90 31.13
CA ARG B 94 -31.97 17.80 29.98
C ARG B 94 -30.84 17.70 28.94
N GLY B 95 -29.75 17.01 29.27
CA GLY B 95 -28.62 16.83 28.37
C GLY B 95 -28.69 15.57 27.56
N ILE B 96 -28.13 15.59 26.32
CA ILE B 96 -28.14 14.46 25.38
C ILE B 96 -26.77 14.27 24.77
N LEU B 97 -26.14 13.12 25.04
CA LEU B 97 -24.81 12.85 24.49
C LEU B 97 -24.90 11.93 23.28
N VAL B 98 -24.33 12.38 22.16
CA VAL B 98 -24.41 11.69 20.87
C VAL B 98 -23.06 11.21 20.34
N ALA B 99 -23.04 9.94 19.89
CA ALA B 99 -21.91 9.30 19.20
C ALA B 99 -22.18 9.53 17.72
N SER B 100 -21.40 10.41 17.06
CA SER B 100 -21.62 10.76 15.64
C SER B 100 -20.72 10.02 14.64
N ASP B 101 -21.21 9.93 13.38
CA ASP B 101 -20.48 9.37 12.22
C ASP B 101 -19.24 10.22 11.89
N SER B 102 -19.31 11.53 12.18
CA SER B 102 -18.25 12.54 11.95
C SER B 102 -16.95 12.29 12.75
N GLY B 103 -17.02 11.48 13.78
CA GLY B 103 -15.92 11.24 14.71
C GLY B 103 -16.09 12.11 15.95
N ALA B 104 -17.13 12.94 15.96
CA ALA B 104 -17.39 13.80 17.10
C ALA B 104 -18.29 13.18 18.13
N VAL B 105 -18.06 13.56 19.40
CA VAL B 105 -18.93 13.26 20.52
C VAL B 105 -19.61 14.61 20.70
N GLU B 106 -20.95 14.61 20.72
CA GLU B 106 -21.72 15.84 20.83
C GLU B 106 -22.54 15.85 22.09
N LEU B 107 -22.73 17.06 22.63
CA LEU B 107 -23.60 17.27 23.77
C LEU B 107 -24.62 18.33 23.37
N TRP B 108 -25.89 17.93 23.46
CA TRP B 108 -27.04 18.76 23.17
C TRP B 108 -27.76 18.96 24.48
N GLU B 109 -28.51 20.06 24.57
CA GLU B 109 -29.26 20.37 25.78
C GLU B 109 -30.63 20.95 25.49
N LEU B 110 -31.65 20.43 26.22
CA LEU B 110 -33.02 20.90 26.16
C LEU B 110 -33.04 22.29 26.77
N ASP B 111 -33.70 23.27 26.12
CA ASP B 111 -33.84 24.63 26.66
C ASP B 111 -34.74 24.61 27.93
N GLU B 112 -34.83 25.74 28.68
CA GLU B 112 -35.67 25.79 29.88
C GLU B 112 -37.14 25.49 29.59
N ASN B 113 -37.61 25.80 28.37
CA ASN B 113 -38.97 25.56 27.91
C ASN B 113 -39.16 24.13 27.38
N GLU B 114 -38.05 23.38 27.17
CA GLU B 114 -38.00 22.02 26.63
C GLU B 114 -38.63 21.91 25.22
N THR B 115 -38.63 23.03 24.49
CA THR B 115 -39.19 23.17 23.15
C THR B 115 -38.11 23.17 22.08
N LEU B 116 -36.84 23.39 22.48
CA LEU B 116 -35.66 23.40 21.60
C LEU B 116 -34.57 22.49 22.16
N ILE B 117 -33.77 21.89 21.25
CA ILE B 117 -32.60 21.06 21.54
C ILE B 117 -31.42 21.83 20.93
N VAL B 118 -30.59 22.42 21.80
CA VAL B 118 -29.47 23.31 21.44
C VAL B 118 -28.13 22.59 21.61
N SER B 119 -27.22 22.74 20.63
CA SER B 119 -25.88 22.15 20.72
C SER B 119 -25.06 22.90 21.79
N LYS B 120 -24.45 22.14 22.71
CA LYS B 120 -23.60 22.68 23.75
C LYS B 120 -22.12 22.52 23.33
N PHE B 121 -21.78 21.33 22.78
CA PHE B 121 -20.44 21.04 22.26
C PHE B 121 -20.43 19.99 21.16
N CYS B 122 -19.47 20.12 20.24
CA CYS B 122 -19.25 19.21 19.14
C CYS B 122 -17.71 19.14 19.03
N LYS B 123 -17.14 18.14 19.69
CA LYS B 123 -15.68 17.96 19.72
C LYS B 123 -15.27 16.77 18.86
N TYR B 124 -14.51 17.04 17.80
CA TYR B 124 -14.06 16.03 16.85
C TYR B 124 -12.76 15.45 17.36
N GLU B 125 -12.84 14.41 18.18
CA GLU B 125 -11.66 13.80 18.80
C GLU B 125 -11.31 12.42 18.26
N HIS B 126 -12.30 11.69 17.74
CA HIS B 126 -12.09 10.37 17.14
C HIS B 126 -11.76 10.52 15.64
N ASP B 127 -11.02 9.56 15.09
CA ASP B 127 -10.53 9.58 13.71
C ASP B 127 -11.37 8.74 12.77
N ASP B 128 -12.48 8.22 13.29
CA ASP B 128 -13.44 7.41 12.56
C ASP B 128 -14.78 7.53 13.31
N ILE B 129 -15.81 6.79 12.88
CA ILE B 129 -17.13 6.82 13.49
C ILE B 129 -17.06 6.47 14.99
N VAL B 130 -17.74 7.28 15.83
CA VAL B 130 -17.93 7.04 17.26
C VAL B 130 -19.17 6.12 17.30
N SER B 131 -18.96 4.85 17.69
CA SER B 131 -20.00 3.82 17.69
C SER B 131 -20.80 3.72 19.00
N THR B 132 -20.16 4.01 20.12
CA THR B 132 -20.77 3.81 21.43
C THR B 132 -20.42 4.92 22.40
N VAL B 133 -21.40 5.28 23.25
CA VAL B 133 -21.26 6.30 24.28
C VAL B 133 -21.94 5.85 25.59
N SER B 134 -21.39 6.23 26.78
CA SER B 134 -21.93 5.85 28.09
C SER B 134 -21.49 6.86 29.17
N VAL B 135 -22.46 7.40 29.93
CA VAL B 135 -22.22 8.37 30.97
C VAL B 135 -21.81 7.63 32.27
N LEU B 136 -20.73 8.06 32.91
CA LEU B 136 -20.26 7.45 34.15
C LEU B 136 -21.14 7.87 35.34
N SER B 137 -21.10 7.11 36.46
CA SER B 137 -21.90 7.30 37.70
C SER B 137 -22.22 8.73 38.16
N SER B 138 -21.21 9.62 38.18
CA SER B 138 -21.30 11.03 38.61
C SER B 138 -22.22 11.90 37.74
N GLY B 139 -22.30 11.61 36.44
CA GLY B 139 -23.07 12.38 35.47
C GLY B 139 -22.32 13.59 34.93
N THR B 140 -21.02 13.68 35.29
CA THR B 140 -20.09 14.77 34.99
C THR B 140 -19.04 14.32 33.97
N GLN B 141 -18.99 13.00 33.70
CA GLN B 141 -18.03 12.37 32.82
C GLN B 141 -18.66 11.26 31.97
N ALA B 142 -18.09 11.00 30.81
CA ALA B 142 -18.59 9.95 29.92
C ALA B 142 -17.46 9.21 29.21
N VAL B 143 -17.80 8.03 28.66
CA VAL B 143 -16.86 7.20 27.90
C VAL B 143 -17.38 7.01 26.46
N SER B 144 -16.46 7.11 25.49
CA SER B 144 -16.80 6.91 24.07
C SER B 144 -15.88 5.86 23.48
N GLY B 145 -16.42 5.05 22.57
CA GLY B 145 -15.73 4.00 21.84
C GLY B 145 -15.89 4.26 20.35
N SER B 146 -14.88 3.90 19.54
CA SER B 146 -14.91 4.19 18.11
C SER B 146 -14.33 3.10 17.22
N LYS B 147 -14.62 3.22 15.90
CA LYS B 147 -14.02 2.39 14.85
C LYS B 147 -12.51 2.71 14.76
N ASP B 148 -12.09 3.88 15.31
CA ASP B 148 -10.67 4.28 15.32
C ASP B 148 -9.87 3.47 16.36
N ILE B 149 -10.53 2.52 17.09
CA ILE B 149 -9.97 1.56 18.05
C ILE B 149 -9.75 2.16 19.46
N CYS B 150 -9.89 3.50 19.59
CA CYS B 150 -9.70 4.22 20.85
C CYS B 150 -10.94 4.32 21.70
N ILE B 151 -10.70 4.44 23.01
CA ILE B 151 -11.71 4.66 24.04
C ILE B 151 -11.26 5.96 24.71
N LYS B 152 -12.18 6.92 24.85
CA LYS B 152 -11.87 8.21 25.45
C LYS B 152 -12.74 8.49 26.66
N VAL B 153 -12.15 9.11 27.70
CA VAL B 153 -12.86 9.53 28.92
C VAL B 153 -12.99 11.05 28.83
N TRP B 154 -14.23 11.55 28.88
CA TRP B 154 -14.53 12.96 28.71
C TRP B 154 -14.97 13.67 29.99
N ASP B 155 -14.63 14.96 30.11
CA ASP B 155 -15.12 15.81 31.19
C ASP B 155 -16.19 16.66 30.52
N LEU B 156 -17.46 16.45 30.91
CA LEU B 156 -18.60 17.10 30.26
C LEU B 156 -18.75 18.61 30.46
N ALA B 157 -18.26 19.13 31.59
CA ALA B 157 -18.31 20.57 31.92
C ALA B 157 -17.20 21.33 31.19
N GLN B 158 -15.95 20.82 31.26
CA GLN B 158 -14.82 21.48 30.59
C GLN B 158 -14.76 21.17 29.10
N GLN B 159 -15.65 20.26 28.61
CA GLN B 159 -15.76 19.83 27.20
C GLN B 159 -14.40 19.33 26.65
N VAL B 160 -13.70 18.50 27.44
CA VAL B 160 -12.38 17.97 27.05
C VAL B 160 -12.25 16.47 27.28
N VAL B 161 -11.32 15.83 26.55
CA VAL B 161 -10.97 14.43 26.76
C VAL B 161 -9.94 14.40 27.91
N LEU B 162 -10.26 13.72 29.01
CA LEU B 162 -9.36 13.57 30.15
C LEU B 162 -8.26 12.54 29.83
N SER B 163 -8.65 11.41 29.18
CA SER B 163 -7.75 10.32 28.83
C SER B 163 -8.18 9.65 27.54
N SER B 164 -7.20 9.15 26.77
CA SER B 164 -7.42 8.44 25.51
C SER B 164 -6.67 7.09 25.61
N TYR B 165 -7.41 5.97 25.44
CA TYR B 165 -6.86 4.63 25.59
C TYR B 165 -6.92 3.80 24.32
N ARG B 166 -5.78 3.22 23.91
CA ARG B 166 -5.74 2.34 22.74
C ARG B 166 -5.39 0.95 23.30
N ALA B 167 -6.38 0.31 23.95
CA ALA B 167 -6.21 -1.01 24.55
C ALA B 167 -6.57 -2.12 23.55
N HIS B 168 -7.66 -1.93 22.78
CA HIS B 168 -8.14 -2.88 21.77
C HIS B 168 -7.28 -2.92 20.51
N ALA B 169 -7.48 -3.96 19.66
CA ALA B 169 -6.72 -4.14 18.40
C ALA B 169 -7.65 -4.11 17.17
N ALA B 170 -8.95 -3.81 17.39
CA ALA B 170 -9.98 -3.70 16.36
C ALA B 170 -11.07 -2.72 16.88
N GLN B 171 -12.11 -2.47 16.07
CA GLN B 171 -13.22 -1.55 16.36
C GLN B 171 -13.78 -1.76 17.74
N VAL B 172 -14.08 -0.67 18.48
CA VAL B 172 -14.71 -0.80 19.81
C VAL B 172 -16.23 -0.92 19.57
N THR B 173 -16.82 -2.07 19.95
CA THR B 173 -18.24 -2.36 19.68
C THR B 173 -19.21 -1.73 20.68
N CYS B 174 -18.85 -1.79 21.96
CA CYS B 174 -19.71 -1.32 23.02
C CYS B 174 -18.86 -0.95 24.25
N VAL B 175 -19.24 0.15 24.92
CA VAL B 175 -18.67 0.67 26.16
C VAL B 175 -19.87 0.84 27.10
N ALA B 176 -19.75 0.37 28.36
CA ALA B 176 -20.85 0.48 29.31
C ALA B 176 -20.31 0.85 30.69
N ALA B 177 -20.68 2.04 31.17
CA ALA B 177 -20.30 2.60 32.45
C ALA B 177 -20.98 1.79 33.54
N SER B 178 -20.25 1.58 34.64
CA SER B 178 -20.78 0.89 35.79
C SER B 178 -21.95 1.73 36.31
N PRO B 179 -23.07 1.10 36.73
CA PRO B 179 -24.18 1.89 37.30
C PRO B 179 -23.77 2.71 38.52
N HIS B 180 -22.86 2.20 39.41
CA HIS B 180 -22.55 2.88 40.67
C HIS B 180 -21.10 3.24 41.03
N LYS B 181 -20.12 2.84 40.18
CA LYS B 181 -18.67 3.07 40.39
C LYS B 181 -18.15 3.97 39.28
N ASP B 182 -17.86 5.24 39.61
CA ASP B 182 -17.42 6.25 38.63
C ASP B 182 -16.12 6.01 37.85
N SER B 183 -15.28 5.07 38.31
CA SER B 183 -14.02 4.76 37.60
C SER B 183 -14.10 3.42 36.86
N VAL B 184 -15.25 2.74 36.93
CA VAL B 184 -15.41 1.41 36.33
C VAL B 184 -16.34 1.39 35.10
N PHE B 185 -15.85 0.78 34.01
CA PHE B 185 -16.64 0.62 32.83
C PHE B 185 -16.23 -0.64 32.09
N LEU B 186 -17.09 -1.14 31.20
CA LEU B 186 -16.78 -2.29 30.38
C LEU B 186 -16.64 -1.85 28.95
N SER B 187 -15.84 -2.58 28.18
CA SER B 187 -15.68 -2.36 26.74
C SER B 187 -15.53 -3.71 26.07
N CYS B 188 -15.96 -3.80 24.80
CA CYS B 188 -15.77 -5.01 24.03
C CYS B 188 -15.51 -4.61 22.60
N SER B 189 -14.89 -5.53 21.85
CA SER B 189 -14.42 -5.21 20.52
C SER B 189 -14.32 -6.40 19.57
N GLU B 190 -14.10 -6.10 18.30
CA GLU B 190 -13.89 -7.09 17.25
C GLU B 190 -12.54 -7.83 17.37
N ASP B 191 -11.71 -7.44 18.37
CA ASP B 191 -10.45 -8.12 18.64
C ASP B 191 -10.70 -9.31 19.61
N ASN B 192 -12.00 -9.61 19.89
CA ASN B 192 -12.47 -10.68 20.74
C ASN B 192 -12.16 -10.49 22.24
N ARG B 193 -11.95 -9.22 22.68
CA ARG B 193 -11.70 -8.88 24.07
C ARG B 193 -12.88 -8.18 24.70
N ILE B 194 -13.15 -8.53 25.97
CA ILE B 194 -14.07 -7.89 26.87
C ILE B 194 -13.12 -7.35 27.95
N LEU B 195 -13.05 -6.02 28.08
CA LEU B 195 -12.16 -5.43 29.08
C LEU B 195 -12.92 -4.74 30.19
N LEU B 196 -12.55 -5.04 31.43
CA LEU B 196 -13.06 -4.42 32.64
C LEU B 196 -12.08 -3.30 32.97
N TRP B 197 -12.57 -2.07 33.04
CA TRP B 197 -11.70 -0.93 33.34
C TRP B 197 -11.93 -0.42 34.73
N ASP B 198 -10.85 0.03 35.37
CA ASP B 198 -10.87 0.67 36.66
C ASP B 198 -9.76 1.71 36.55
N THR B 199 -10.16 2.96 36.28
CA THR B 199 -9.25 4.10 36.06
C THR B 199 -8.35 4.46 37.25
N ARG B 200 -8.59 3.82 38.42
CA ARG B 200 -7.76 4.00 39.62
C ARG B 200 -6.46 3.15 39.55
N CYS B 201 -6.37 2.23 38.56
CA CYS B 201 -5.25 1.31 38.32
C CYS B 201 -4.23 1.85 37.30
N PRO B 202 -2.90 1.64 37.56
CA PRO B 202 -1.86 2.08 36.61
C PRO B 202 -2.05 1.52 35.20
N LYS B 203 -2.37 0.21 35.10
CA LYS B 203 -2.75 -0.42 33.82
C LYS B 203 -4.27 -0.57 34.05
N PRO B 204 -5.12 0.37 33.55
CA PRO B 204 -6.54 0.35 33.92
C PRO B 204 -7.41 -0.77 33.37
N ALA B 205 -6.98 -1.46 32.31
CA ALA B 205 -7.82 -2.52 31.75
C ALA B 205 -7.39 -3.92 32.20
N SER B 206 -8.36 -4.83 32.26
CA SER B 206 -8.15 -6.22 32.63
C SER B 206 -9.04 -7.06 31.72
N GLN B 207 -8.46 -8.09 31.09
CA GLN B 207 -9.16 -8.98 30.17
C GLN B 207 -9.99 -10.05 30.89
N ILE B 208 -11.30 -10.09 30.59
CA ILE B 208 -12.27 -11.04 31.14
C ILE B 208 -12.37 -12.28 30.22
N GLY B 209 -12.23 -13.47 30.80
CA GLY B 209 -12.29 -14.74 30.08
C GLY B 209 -13.69 -15.27 29.94
N GLY B 214 -14.70 -17.00 22.24
CA GLY B 214 -15.25 -17.77 21.13
C GLY B 214 -15.71 -16.91 19.98
N TYR B 215 -17.00 -16.54 19.98
CA TYR B 215 -17.60 -15.65 18.98
C TYR B 215 -17.51 -14.20 19.47
N LEU B 216 -17.30 -13.24 18.57
CA LEU B 216 -17.16 -11.82 18.94
C LEU B 216 -18.24 -11.23 19.88
N PRO B 217 -17.83 -10.51 20.96
CA PRO B 217 -18.84 -9.88 21.84
C PRO B 217 -19.35 -8.61 21.19
N THR B 218 -20.68 -8.39 21.24
CA THR B 218 -21.32 -7.29 20.54
C THR B 218 -22.16 -6.34 21.37
N SER B 219 -22.53 -6.72 22.60
CA SER B 219 -23.35 -5.89 23.47
C SER B 219 -23.04 -6.20 24.93
N LEU B 220 -23.21 -5.20 25.80
CA LEU B 220 -22.91 -5.32 27.24
C LEU B 220 -23.97 -4.63 28.08
N ALA B 221 -24.28 -5.22 29.25
CA ALA B 221 -25.21 -4.64 30.20
C ALA B 221 -24.83 -5.05 31.61
N TRP B 222 -24.54 -4.06 32.46
CA TRP B 222 -24.23 -4.32 33.88
C TRP B 222 -25.52 -4.68 34.57
N HIS B 223 -25.45 -5.59 35.55
CA HIS B 223 -26.62 -5.94 36.35
C HIS B 223 -26.97 -4.71 37.24
N PRO B 224 -28.23 -4.22 37.26
CA PRO B 224 -28.54 -3.02 38.06
C PRO B 224 -28.50 -3.18 39.57
N GLN B 225 -28.45 -4.42 40.08
CA GLN B 225 -28.44 -4.66 41.54
C GLN B 225 -27.14 -5.30 42.05
N GLN B 226 -26.60 -6.24 41.28
CA GLN B 226 -25.38 -7.02 41.54
C GLN B 226 -24.15 -6.33 40.89
N SER B 227 -23.44 -5.54 41.71
CA SER B 227 -22.26 -4.70 41.41
C SER B 227 -21.16 -5.30 40.49
N GLU B 228 -20.87 -6.61 40.63
CA GLU B 228 -19.80 -7.31 39.88
C GLU B 228 -20.37 -8.25 38.81
N VAL B 229 -21.68 -8.13 38.50
CA VAL B 229 -22.34 -8.98 37.52
C VAL B 229 -22.73 -8.18 36.27
N PHE B 230 -22.53 -8.80 35.11
CA PHE B 230 -22.90 -8.20 33.84
C PHE B 230 -23.30 -9.29 32.88
N VAL B 231 -24.00 -8.90 31.82
CA VAL B 231 -24.40 -9.79 30.74
C VAL B 231 -23.73 -9.30 29.46
N PHE B 232 -23.48 -10.22 28.51
CA PHE B 232 -22.94 -9.88 27.22
C PHE B 232 -23.57 -10.69 26.10
N GLY B 233 -23.78 -10.03 24.97
CA GLY B 233 -24.35 -10.62 23.78
C GLY B 233 -23.27 -10.80 22.74
N ASP B 234 -23.37 -11.81 21.91
CA ASP B 234 -22.36 -12.01 20.90
C ASP B 234 -22.91 -12.02 19.46
N GLU B 235 -22.01 -12.00 18.48
CA GLU B 235 -22.30 -11.95 17.05
C GLU B 235 -23.05 -13.19 16.55
N ASN B 236 -23.15 -14.26 17.36
CA ASN B 236 -23.81 -15.52 16.99
C ASN B 236 -25.18 -15.73 17.68
N GLY B 237 -25.71 -14.71 18.35
CA GLY B 237 -27.02 -14.76 19.01
C GLY B 237 -27.10 -15.23 20.45
N THR B 238 -25.94 -15.56 21.04
CA THR B 238 -25.84 -16.02 22.41
C THR B 238 -25.81 -14.86 23.41
N VAL B 239 -26.53 -15.04 24.53
CA VAL B 239 -26.56 -14.14 25.69
C VAL B 239 -25.87 -14.87 26.86
N SER B 240 -24.91 -14.22 27.52
CA SER B 240 -24.16 -14.82 28.62
C SER B 240 -24.18 -13.99 29.89
N LEU B 241 -24.26 -14.67 31.05
CA LEU B 241 -24.26 -14.09 32.39
C LEU B 241 -22.87 -14.30 32.97
N VAL B 242 -22.20 -13.21 33.40
CA VAL B 242 -20.83 -13.24 33.93
C VAL B 242 -20.75 -12.51 35.26
N ASP B 243 -19.95 -13.07 36.17
CA ASP B 243 -19.70 -12.48 37.49
C ASP B 243 -18.21 -12.28 37.60
N THR B 244 -17.76 -11.00 37.67
CA THR B 244 -16.35 -10.54 37.76
C THR B 244 -15.43 -11.53 38.51
N LYS B 245 -15.92 -12.10 39.65
CA LYS B 245 -15.23 -13.08 40.49
C LYS B 245 -14.79 -14.32 39.66
N SER B 246 -15.73 -15.24 39.34
CA SER B 246 -15.47 -16.45 38.56
C SER B 246 -15.62 -16.19 37.05
N CYS B 249 -18.09 -21.95 33.27
CA CYS B 249 -18.79 -21.54 34.48
C CYS B 249 -19.95 -20.58 34.19
N VAL B 250 -19.80 -19.78 33.12
CA VAL B 250 -20.77 -18.78 32.69
C VAL B 250 -22.08 -19.40 32.20
N LEU B 251 -23.22 -18.83 32.66
CA LEU B 251 -24.58 -19.22 32.24
C LEU B 251 -24.86 -18.56 30.89
N SER B 252 -25.34 -19.35 29.90
CA SER B 252 -25.62 -18.82 28.56
C SER B 252 -26.79 -19.52 27.87
N SER B 253 -27.39 -18.84 26.87
CA SER B 253 -28.49 -19.34 26.07
C SER B 253 -28.46 -18.80 24.64
N ALA B 254 -28.78 -19.65 23.65
CA ALA B 254 -28.82 -19.21 22.26
C ALA B 254 -30.20 -18.59 22.05
N VAL B 255 -30.28 -17.27 22.26
CA VAL B 255 -31.53 -16.48 22.24
C VAL B 255 -31.92 -16.01 20.86
N HIS B 256 -30.93 -15.59 20.08
CA HIS B 256 -31.14 -15.07 18.75
C HIS B 256 -30.39 -15.89 17.69
N SER B 257 -30.86 -15.78 16.43
CA SER B 257 -30.28 -16.49 15.29
C SER B 257 -29.17 -15.66 14.67
N GLN B 258 -29.11 -14.35 15.01
CA GLN B 258 -28.08 -13.40 14.55
C GLN B 258 -27.58 -12.51 15.71
N CYS B 259 -26.61 -11.61 15.42
CA CYS B 259 -25.99 -10.66 16.35
C CYS B 259 -26.92 -10.06 17.42
N VAL B 260 -26.44 -10.03 18.68
CA VAL B 260 -27.17 -9.44 19.82
C VAL B 260 -26.75 -7.97 19.83
N THR B 261 -27.66 -7.12 19.36
CA THR B 261 -27.47 -5.67 19.18
C THR B 261 -27.50 -4.91 20.50
N GLY B 262 -28.44 -5.27 21.37
CA GLY B 262 -28.58 -4.63 22.66
C GLY B 262 -29.13 -5.50 23.76
N LEU B 263 -28.81 -5.13 24.99
CA LEU B 263 -29.25 -5.77 26.20
C LEU B 263 -29.60 -4.69 27.22
N VAL B 264 -30.87 -4.68 27.69
CA VAL B 264 -31.38 -3.66 28.61
C VAL B 264 -32.17 -4.30 29.73
N PHE B 265 -31.72 -4.10 30.99
CA PHE B 265 -32.45 -4.58 32.16
C PHE B 265 -33.66 -3.68 32.46
N SER B 266 -34.75 -4.28 32.98
CA SER B 266 -35.98 -3.60 33.36
C SER B 266 -35.80 -2.84 34.69
N PRO B 267 -36.71 -1.90 35.05
CA PRO B 267 -36.58 -1.19 36.35
C PRO B 267 -37.04 -1.92 37.63
N HIS B 268 -37.69 -3.11 37.51
CA HIS B 268 -38.20 -3.90 38.66
C HIS B 268 -37.10 -4.31 39.65
N SER B 269 -37.46 -4.56 40.94
CA SER B 269 -36.53 -4.98 41.99
C SER B 269 -35.80 -6.27 41.62
N VAL B 270 -36.50 -7.16 40.89
CA VAL B 270 -35.97 -8.39 40.28
C VAL B 270 -36.09 -8.10 38.76
N PRO B 271 -35.02 -7.54 38.13
CA PRO B 271 -35.18 -7.12 36.73
C PRO B 271 -35.33 -8.22 35.69
N PHE B 272 -36.02 -7.87 34.60
CA PHE B 272 -36.14 -8.70 33.40
C PHE B 272 -35.04 -8.20 32.46
N LEU B 273 -34.64 -9.02 31.47
CA LEU B 273 -33.61 -8.62 30.52
C LEU B 273 -34.14 -8.70 29.11
N ALA B 274 -34.23 -7.52 28.46
CA ALA B 274 -34.63 -7.39 27.07
C ALA B 274 -33.39 -7.59 26.23
N SER B 275 -33.50 -8.39 25.16
CA SER B 275 -32.43 -8.62 24.20
C SER B 275 -33.01 -8.36 22.82
N LEU B 276 -32.24 -7.70 21.96
CA LEU B 276 -32.64 -7.33 20.62
C LEU B 276 -31.58 -7.72 19.61
N SER B 277 -32.01 -8.05 18.39
CA SER B 277 -31.12 -8.60 17.40
C SER B 277 -31.31 -8.13 15.94
N GLU B 278 -30.31 -8.39 15.12
CA GLU B 278 -30.35 -8.13 13.68
C GLU B 278 -31.29 -9.17 13.07
N ASP B 279 -31.74 -10.17 13.87
CA ASP B 279 -32.72 -11.15 13.41
C ASP B 279 -34.15 -10.58 13.48
N CYS B 280 -34.28 -9.26 13.81
CA CYS B 280 -35.50 -8.47 13.85
C CYS B 280 -36.44 -8.83 15.00
N SER B 281 -35.93 -9.50 16.04
CA SER B 281 -36.77 -9.86 17.16
C SER B 281 -36.30 -9.23 18.45
N LEU B 282 -37.18 -9.25 19.44
CA LEU B 282 -36.99 -8.79 20.81
C LEU B 282 -37.32 -10.00 21.66
N ALA B 283 -36.50 -10.29 22.64
CA ALA B 283 -36.79 -11.35 23.60
C ALA B 283 -36.67 -10.74 24.97
N VAL B 284 -37.52 -11.15 25.90
CA VAL B 284 -37.46 -10.73 27.29
C VAL B 284 -37.15 -11.99 28.11
N LEU B 285 -36.02 -11.97 28.84
CA LEU B 285 -35.51 -13.11 29.62
C LEU B 285 -35.55 -12.91 31.13
N ASP B 286 -35.52 -14.03 31.88
CA ASP B 286 -35.48 -13.99 33.33
C ASP B 286 -34.02 -14.10 33.86
N SER B 287 -33.85 -14.34 35.17
CA SER B 287 -32.57 -14.48 35.89
C SER B 287 -31.75 -15.65 35.38
N SER B 288 -32.40 -16.76 34.97
CA SER B 288 -31.73 -17.96 34.43
C SER B 288 -31.59 -17.91 32.90
N LEU B 289 -31.87 -16.73 32.31
CA LEU B 289 -31.82 -16.43 30.87
C LEU B 289 -32.89 -17.14 30.04
N SER B 290 -33.91 -17.74 30.68
CA SER B 290 -35.03 -18.40 30.00
C SER B 290 -36.00 -17.36 29.45
N GLU B 291 -36.52 -17.61 28.25
CA GLU B 291 -37.45 -16.73 27.55
C GLU B 291 -38.85 -16.67 28.20
N LEU B 292 -39.39 -15.43 28.35
CA LEU B 292 -40.71 -15.13 28.91
C LEU B 292 -41.60 -14.44 27.88
N PHE B 293 -41.00 -13.68 26.95
CA PHE B 293 -41.68 -12.93 25.92
C PHE B 293 -40.82 -12.85 24.65
N ARG B 294 -41.48 -12.85 23.50
CA ARG B 294 -40.84 -12.78 22.19
C ARG B 294 -41.71 -11.94 21.28
N SER B 295 -41.10 -11.00 20.55
CA SER B 295 -41.88 -10.20 19.60
C SER B 295 -41.22 -10.14 18.23
N GLN B 296 -42.04 -10.30 17.19
CA GLN B 296 -41.58 -10.24 15.80
C GLN B 296 -42.22 -9.07 15.06
N ALA B 297 -42.59 -8.00 15.81
CA ALA B 297 -43.26 -6.79 15.30
C ALA B 297 -42.41 -6.00 14.30
N HIS B 298 -41.10 -6.00 14.49
CA HIS B 298 -40.22 -5.30 13.57
C HIS B 298 -40.00 -6.07 12.29
N ARG B 299 -39.95 -5.33 11.19
CA ARG B 299 -39.71 -5.84 9.83
C ARG B 299 -38.28 -5.58 9.40
N ASP B 300 -37.47 -4.95 10.28
CA ASP B 300 -36.04 -4.70 10.05
C ASP B 300 -35.32 -4.81 11.40
N PHE B 301 -34.02 -4.56 11.42
CA PHE B 301 -33.15 -4.66 12.60
C PHE B 301 -33.70 -3.88 13.79
N VAL B 302 -33.76 -4.51 14.99
CA VAL B 302 -34.22 -3.87 16.23
C VAL B 302 -32.96 -3.20 16.80
N ARG B 303 -33.04 -1.87 17.05
CA ARG B 303 -31.87 -1.08 17.45
C ARG B 303 -31.75 -0.67 18.89
N ASP B 304 -32.85 -0.35 19.54
CA ASP B 304 -32.81 0.01 20.96
C ASP B 304 -34.11 -0.40 21.62
N ALA B 305 -34.06 -0.54 22.94
CA ALA B 305 -35.19 -0.87 23.80
C ALA B 305 -35.05 -0.04 25.04
N THR B 306 -36.18 0.48 25.54
CA THR B 306 -36.23 1.28 26.76
C THR B 306 -37.48 0.94 27.55
N TRP B 307 -37.32 0.72 28.86
CA TRP B 307 -38.44 0.37 29.72
C TRP B 307 -39.04 1.63 30.29
N SER B 308 -40.37 1.70 30.34
CA SER B 308 -41.04 2.88 30.88
C SER B 308 -40.82 3.01 32.40
N PRO B 309 -40.45 4.23 32.88
CA PRO B 309 -40.29 4.41 34.34
C PRO B 309 -41.64 4.56 35.05
N LEU B 310 -42.71 4.85 34.29
CA LEU B 310 -44.07 5.06 34.79
C LEU B 310 -44.81 3.73 34.90
N ASN B 311 -44.84 2.93 33.82
CA ASN B 311 -45.43 1.60 33.83
C ASN B 311 -44.29 0.64 33.52
N HIS B 312 -43.81 -0.06 34.57
CA HIS B 312 -42.68 -1.00 34.51
C HIS B 312 -42.81 -2.20 33.56
N SER B 313 -44.04 -2.57 33.14
CA SER B 313 -44.28 -3.69 32.23
C SER B 313 -44.31 -3.26 30.74
N LEU B 314 -44.11 -1.96 30.45
CA LEU B 314 -44.08 -1.47 29.08
C LEU B 314 -42.65 -1.24 28.64
N LEU B 315 -42.29 -1.90 27.55
CA LEU B 315 -40.98 -1.84 26.93
C LEU B 315 -41.16 -1.34 25.51
N THR B 316 -40.43 -0.30 25.15
CA THR B 316 -40.49 0.34 23.84
C THR B 316 -39.29 -0.01 23.02
N THR B 317 -39.51 -0.49 21.78
CA THR B 317 -38.42 -0.81 20.84
C THR B 317 -38.49 0.10 19.62
N VAL B 318 -37.33 0.36 19.01
CA VAL B 318 -37.19 1.13 17.76
C VAL B 318 -36.34 0.32 16.80
N GLY B 319 -36.65 0.42 15.51
CA GLY B 319 -35.93 -0.28 14.46
C GLY B 319 -35.75 0.47 13.17
N TRP B 320 -35.06 -0.16 12.22
CA TRP B 320 -34.77 0.46 10.93
C TRP B 320 -35.97 0.43 10.00
N ASP B 321 -37.08 -0.22 10.43
CA ASP B 321 -38.34 -0.26 9.69
C ASP B 321 -39.17 1.00 10.02
N HIS B 322 -38.59 1.93 10.83
CA HIS B 322 -39.19 3.20 11.27
C HIS B 322 -40.38 3.02 12.27
N GLN B 323 -40.44 1.86 12.94
CA GLN B 323 -41.48 1.60 13.94
C GLN B 323 -40.97 1.86 15.35
N VAL B 324 -41.82 2.48 16.16
CA VAL B 324 -41.65 2.72 17.59
C VAL B 324 -42.73 1.77 18.16
N VAL B 325 -42.34 0.61 18.71
CA VAL B 325 -43.33 -0.35 19.22
C VAL B 325 -43.36 -0.33 20.75
N HIS B 326 -44.56 -0.26 21.34
CA HIS B 326 -44.75 -0.28 22.79
C HIS B 326 -45.29 -1.67 23.13
N HIS B 327 -44.42 -2.50 23.76
CA HIS B 327 -44.74 -3.89 24.12
C HIS B 327 -45.25 -3.98 25.53
N VAL B 328 -46.29 -4.82 25.73
CA VAL B 328 -46.81 -5.08 27.06
C VAL B 328 -46.18 -6.42 27.47
N VAL B 329 -45.22 -6.36 28.39
CA VAL B 329 -44.46 -7.53 28.82
C VAL B 329 -45.16 -8.24 29.97
N PRO B 330 -45.33 -9.59 29.91
CA PRO B 330 -45.96 -10.29 31.07
C PRO B 330 -45.00 -10.37 32.28
N THR B 331 -45.27 -9.52 33.28
CA THR B 331 -44.47 -9.41 34.50
C THR B 331 -45.19 -10.00 35.72
C ACE C 1 16.67 4.27 -25.27
O ACE C 1 16.96 5.33 -25.93
CH3 ACE C 1 15.78 3.26 -25.91
N SER C 2 17.03 3.98 -24.02
CA SER C 2 18.28 4.46 -23.44
C SER C 2 18.95 3.34 -22.66
N GLY C 3 20.14 3.66 -22.11
CA GLY C 3 20.94 2.75 -21.28
C GLY C 3 21.20 1.40 -21.91
N ARG C 4 21.41 1.35 -23.27
CA ARG C 4 21.71 0.10 -24.01
C ARG C 4 20.50 -0.83 -24.26
N GLY C 5 19.33 -0.24 -24.23
CA GLY C 5 18.12 -1.00 -24.48
C GLY C 5 17.28 -0.47 -25.63
N LYS C 6 16.40 -1.33 -26.16
CA LYS C 6 15.41 -1.00 -27.21
C LYS C 6 14.02 -1.62 -26.89
N GLY C 7 12.97 -1.17 -27.58
CA GLY C 7 11.62 -1.69 -27.41
C GLY C 7 10.97 -1.38 -26.07
N GLY C 8 10.07 -2.27 -25.64
CA GLY C 8 9.33 -2.11 -24.40
C GLY C 8 7.81 -2.09 -24.58
N LYS C 9 7.20 -0.88 -24.45
CA LYS C 9 5.75 -0.62 -24.58
C LYS C 9 5.15 -1.16 -25.88
N 0XU D . 31.81 3.54 -31.32
CA 0XU D . 30.39 3.89 -31.36
C 0XU D . 30.08 4.92 -30.30
O 0XU D . 30.73 4.67 -29.13
OXT 0XU D . 29.31 5.88 -30.45
CB 0XU D . 29.41 2.71 -31.39
CG 0XU D . 29.52 1.69 -30.26
CD 0XU D . 28.89 0.35 -30.69
NE 0XU D . 28.65 -0.62 -29.60
C5' 0XU D . 29.77 -0.28 -31.73
C4' 0XU D . 29.48 -0.71 -32.96
O4' 0XU D . 30.47 -1.36 -33.66
C3' 0XU D . 28.20 -0.60 -33.73
O3' 0XU D . 28.32 0.52 -34.58
C2' 0XU D . 28.29 -1.87 -34.55
O2' 0XU D . 27.76 -1.77 -35.86
C1' 0XU D . 29.79 -2.08 -34.68
N9 0XU D . 30.21 -3.47 -34.68
C8 0XU D . 29.73 -4.52 -33.94
N7 0XU D . 30.28 -5.69 -34.31
C5 0XU D . 31.14 -5.35 -35.35
C6 0XU D . 32.05 -6.07 -36.13
N6 0XU D . 32.25 -7.48 -35.99
N1 0XU D . 32.74 -5.40 -37.07
C2 0XU D . 32.60 -4.06 -37.20
N3 0XU D . 31.77 -3.25 -36.50
C4 0XU D . 31.09 -3.98 -35.58
#